data_7QJU
#
_entry.id   7QJU
#
_cell.length_a   93.209
_cell.length_b   178.187
_cell.length_c   50.493
_cell.angle_alpha   90
_cell.angle_beta   90
_cell.angle_gamma   90
#
_symmetry.space_group_name_H-M   'P 21 21 2'
#
loop_
_entity.id
_entity.type
_entity.pdbx_description
1 polymer 'Polycomb protein EED'
2 polymer 'Histone-lysine N-methyltransferase EZH2'
3 non-polymer 'CHLORIDE ION'
4 non-polymer N-(2,3-dihydro-1-benzofuran-4-ylmethyl)-8-[4-[(dimethylamino)methyl]phenyl]-[1,2,4]triazolo[4,3-c]pyrimidin-5-amine
5 water water
#
loop_
_entity_poly.entity_id
_entity_poly.type
_entity_poly.pdbx_seq_one_letter_code
_entity_poly.pdbx_strand_id
1 'polypeptide(L)'
;GKCKYSFKCVNSLKEDHNQPLFGVQFNWHSKEGDPLVFATVGSNRVTLYECHSQGEIRLLQSYVDADADENFYTCAWTYD
SNTSHPLLAVAGSRGIIRIINPITMQCIKHYVGHGNAINELKFHPRDPNLLLSVSKDHALRLWNIQTDTLVAIFGGVEGH
RDEVLSADYDLLGEKIMSCGMDHSLKLWRINSKRMMNAIKESYDYNPNKTNRPFISQKIHFPDFSTRDIHRNYVDCVRWL
GDLILSKSCENAIVCWKPGKMEDDIDKIKPSESNVTILGRFDYSQCDIWYMRFSMDFWQKMLALGNQVGKLYVWDLEVED
PHKAKCTTLTHHKCGAAIRQTSFSRDSSILIAVCDDASIWRWDRLR
;
A,B
2 'polypeptide(L)' SMFSSNRQKILERTEILNQEWKQRRIQPV C,D
#
loop_
_chem_comp.id
_chem_comp.type
_chem_comp.name
_chem_comp.formula
CL non-polymer 'CHLORIDE ION' 'Cl -1'
EKF non-polymer N-(2,3-dihydro-1-benzofuran-4-ylmethyl)-8-[4-[(dimethylamino)methyl]phenyl]-[1,2,4]triazolo[4,3-c]pyrimidin-5-amine 'C23 H24 N6 O'
#
# COMPACT_ATOMS: atom_id res chain seq x y z
N LYS A 2 27.57 5.19 30.19
CA LYS A 2 26.73 4.75 31.30
C LYS A 2 25.27 5.16 31.15
N CYS A 3 24.36 4.41 31.78
CA CYS A 3 22.93 4.71 31.71
C CYS A 3 22.52 5.89 32.59
N LYS A 4 21.58 6.70 32.09
CA LYS A 4 21.05 7.83 32.84
C LYS A 4 19.55 7.68 33.18
N TYR A 5 18.86 6.65 32.63
CA TYR A 5 17.43 6.44 32.88
C TYR A 5 17.11 6.22 34.35
N SER A 6 16.12 6.95 34.84
CA SER A 6 15.67 6.80 36.21
C SER A 6 14.14 6.76 36.29
N PHE A 7 13.59 6.00 37.25
CA PHE A 7 12.15 5.83 37.37
C PHE A 7 11.69 5.96 38.82
N LYS A 8 10.42 6.31 39.02
CA LYS A 8 9.80 6.47 40.31
C LYS A 8 8.56 5.59 40.34
N CYS A 9 8.39 4.78 41.40
CA CYS A 9 7.18 3.97 41.51
C CYS A 9 6.08 4.87 41.98
N VAL A 10 5.05 5.04 41.15
CA VAL A 10 3.98 5.98 41.48
C VAL A 10 2.67 5.32 41.90
N ASN A 11 2.49 4.02 41.65
CA ASN A 11 1.26 3.35 42.02
C ASN A 11 1.37 1.85 41.92
N SER A 12 0.48 1.18 42.61
CA SER A 12 0.32 -0.25 42.52
C SER A 12 -1.12 -0.61 42.90
N LEU A 13 -1.59 -1.73 42.37
CA LEU A 13 -2.89 -2.25 42.74
C LEU A 13 -2.86 -3.77 42.61
N LYS A 14 -3.89 -4.44 43.13
CA LYS A 14 -3.97 -5.89 43.04
C LYS A 14 -5.33 -6.23 42.43
N GLU A 15 -5.36 -7.16 41.45
CA GLU A 15 -6.63 -7.59 40.87
C GLU A 15 -7.31 -8.54 41.86
N ASP A 16 -8.64 -8.44 42.04
CA ASP A 16 -9.32 -9.22 43.08
C ASP A 16 -9.34 -10.74 42.87
N HIS A 17 -9.02 -11.24 41.66
CA HIS A 17 -8.98 -12.68 41.45
C HIS A 17 -7.82 -13.36 42.19
N ASN A 18 -6.78 -12.59 42.58
CA ASN A 18 -5.59 -13.06 43.32
C ASN A 18 -4.78 -14.15 42.56
N GLN A 19 -5.00 -14.30 41.27
CA GLN A 19 -4.26 -15.28 40.46
C GLN A 19 -3.08 -14.62 39.76
N PRO A 20 -2.02 -15.39 39.41
CA PRO A 20 -0.88 -14.76 38.74
C PRO A 20 -1.23 -14.03 37.45
N LEU A 21 -0.56 -12.91 37.21
CA LEU A 21 -0.70 -12.18 35.97
C LEU A 21 0.50 -12.57 35.11
N PHE A 22 0.24 -13.20 33.95
CA PHE A 22 1.30 -13.66 33.09
C PHE A 22 1.67 -12.76 31.92
N GLY A 23 0.82 -11.79 31.62
CA GLY A 23 1.05 -10.89 30.50
C GLY A 23 0.57 -9.48 30.75
N VAL A 24 1.26 -8.53 30.13
CA VAL A 24 0.90 -7.11 30.19
C VAL A 24 1.38 -6.47 28.91
N GLN A 25 0.51 -5.67 28.27
CA GLN A 25 0.84 -5.02 27.03
C GLN A 25 0.19 -3.66 26.94
N PHE A 26 1.01 -2.62 26.75
CA PHE A 26 0.46 -1.31 26.41
C PHE A 26 0.00 -1.39 24.94
N ASN A 27 -1.03 -0.62 24.60
CA ASN A 27 -1.50 -0.54 23.23
C ASN A 27 -0.63 0.52 22.53
N TRP A 28 0.32 0.08 21.71
CA TRP A 28 1.16 1.03 20.97
C TRP A 28 0.51 1.59 19.70
N HIS A 29 -0.72 1.16 19.39
CA HIS A 29 -1.41 1.68 18.21
C HIS A 29 -2.14 2.98 18.49
N SER A 30 -2.43 3.29 19.78
CA SER A 30 -3.14 4.53 20.10
C SER A 30 -2.36 5.77 19.61
N LYS A 31 -3.07 6.75 19.06
CA LYS A 31 -2.41 7.91 18.49
C LYS A 31 -1.90 8.87 19.55
N GLU A 32 -0.92 9.71 19.17
CA GLU A 32 -0.30 10.70 20.05
C GLU A 32 -1.37 11.62 20.60
N GLY A 33 -1.39 11.77 21.92
CA GLY A 33 -2.41 12.59 22.57
C GLY A 33 -3.49 11.76 23.23
N ASP A 34 -3.77 10.56 22.69
CA ASP A 34 -4.78 9.69 23.28
C ASP A 34 -4.27 9.03 24.56
N PRO A 35 -5.19 8.62 25.46
CA PRO A 35 -4.74 8.08 26.75
C PRO A 35 -3.95 6.78 26.62
N LEU A 36 -2.96 6.61 27.50
CA LEU A 36 -2.14 5.40 27.48
C LEU A 36 -2.90 4.25 28.11
N VAL A 37 -3.12 3.20 27.33
CA VAL A 37 -3.89 2.07 27.78
C VAL A 37 -3.07 0.81 27.78
N PHE A 38 -3.27 -0.05 28.78
CA PHE A 38 -2.58 -1.34 28.79
C PHE A 38 -3.55 -2.43 29.19
N ALA A 39 -3.27 -3.66 28.75
CA ALA A 39 -4.07 -4.82 29.08
C ALA A 39 -3.23 -5.75 29.99
N THR A 40 -3.86 -6.42 30.95
CA THR A 40 -3.23 -7.45 31.76
C THR A 40 -3.98 -8.76 31.51
N VAL A 41 -3.29 -9.90 31.61
CA VAL A 41 -3.94 -11.20 31.43
C VAL A 41 -3.45 -12.14 32.52
N GLY A 42 -4.40 -12.88 33.05
CA GLY A 42 -4.16 -13.85 34.10
C GLY A 42 -5.49 -14.48 34.48
N SER A 43 -5.45 -15.70 35.08
CA SER A 43 -6.69 -16.44 35.41
C SER A 43 -7.47 -16.63 34.05
N ASN A 44 -8.79 -16.52 33.99
CA ASN A 44 -9.52 -16.53 32.74
C ASN A 44 -9.94 -15.07 32.43
N ARG A 45 -9.06 -14.10 32.74
CA ARG A 45 -9.39 -12.69 32.60
C ARG A 45 -8.44 -11.85 31.77
N VAL A 46 -9.00 -10.79 31.18
CA VAL A 46 -8.30 -9.78 30.43
C VAL A 46 -8.81 -8.47 31.01
N THR A 47 -7.92 -7.60 31.48
CA THR A 47 -8.37 -6.34 32.09
C THR A 47 -7.71 -5.14 31.44
N LEU A 48 -8.47 -4.08 31.16
CA LEU A 48 -7.90 -2.88 30.55
C LEU A 48 -7.80 -1.74 31.53
N TYR A 49 -6.70 -1.00 31.46
CA TYR A 49 -6.48 0.15 32.32
C TYR A 49 -5.99 1.33 31.52
N GLU A 50 -6.29 2.53 32.00
CA GLU A 50 -5.81 3.77 31.42
C GLU A 50 -4.86 4.44 32.42
N CYS A 51 -3.76 5.00 31.96
CA CYS A 51 -2.81 5.70 32.80
C CYS A 51 -3.14 7.20 32.76
N HIS A 52 -3.28 7.78 33.93
CA HIS A 52 -3.54 9.21 34.06
C HIS A 52 -2.46 9.88 34.93
N SER A 53 -2.53 11.22 35.06
CA SER A 53 -1.54 11.95 35.85
C SER A 53 -1.53 11.54 37.34
N GLN A 54 -0.45 11.86 38.05
CA GLN A 54 -0.26 11.52 39.46
C GLN A 54 -0.39 10.03 39.72
N GLY A 55 0.18 9.23 38.82
CA GLY A 55 0.19 7.79 38.94
C GLY A 55 -1.13 7.06 38.84
N GLU A 56 -2.23 7.78 38.58
CA GLU A 56 -3.55 7.14 38.50
C GLU A 56 -3.63 6.01 37.46
N ILE A 57 -4.09 4.84 37.91
CA ILE A 57 -4.33 3.70 37.04
C ILE A 57 -5.83 3.51 37.10
N ARG A 58 -6.52 3.83 36.01
CA ARG A 58 -7.97 3.80 35.97
C ARG A 58 -8.47 2.51 35.32
N LEU A 59 -9.25 1.72 36.05
CA LEU A 59 -9.84 0.48 35.54
C LEU A 59 -10.88 0.85 34.47
N LEU A 60 -10.72 0.32 33.26
CA LEU A 60 -11.67 0.57 32.18
C LEU A 60 -12.71 -0.55 32.11
N GLN A 61 -12.30 -1.76 31.70
CA GLN A 61 -13.20 -2.88 31.49
C GLN A 61 -12.53 -4.20 31.87
N SER A 62 -13.34 -5.21 32.18
CA SER A 62 -12.83 -6.54 32.50
C SER A 62 -13.56 -7.54 31.60
N TYR A 63 -12.82 -8.50 31.06
CA TYR A 63 -13.38 -9.58 30.27
C TYR A 63 -13.16 -10.84 31.08
N VAL A 64 -14.23 -11.60 31.33
CA VAL A 64 -14.13 -12.87 32.03
C VAL A 64 -14.55 -13.94 31.02
N ASP A 65 -13.66 -14.89 30.73
CA ASP A 65 -13.98 -15.94 29.77
C ASP A 65 -15.11 -16.83 30.30
N ALA A 66 -15.99 -17.30 29.39
CA ALA A 66 -17.10 -18.20 29.74
C ALA A 66 -16.57 -19.48 30.41
N ASP A 67 -15.43 -19.98 29.93
CA ASP A 67 -14.75 -21.14 30.46
C ASP A 67 -14.01 -20.77 31.73
N ALA A 68 -14.48 -21.28 32.89
CA ALA A 68 -13.84 -21.00 34.17
C ALA A 68 -12.44 -21.61 34.32
N ASP A 69 -12.13 -22.66 33.55
CA ASP A 69 -10.83 -23.33 33.63
C ASP A 69 -9.79 -22.82 32.63
N GLU A 70 -10.09 -21.75 31.88
CA GLU A 70 -9.12 -21.17 30.95
C GLU A 70 -8.07 -20.38 31.76
N ASN A 71 -6.80 -20.46 31.37
CA ASN A 71 -5.74 -19.69 32.00
C ASN A 71 -5.01 -18.96 30.88
N PHE A 72 -5.28 -17.65 30.74
CA PHE A 72 -4.65 -16.88 29.67
C PHE A 72 -3.17 -16.67 29.99
N TYR A 73 -2.33 -16.84 28.99
CA TYR A 73 -0.89 -16.67 29.16
C TYR A 73 -0.33 -15.49 28.40
N THR A 74 -1.05 -14.97 27.40
CA THR A 74 -0.51 -13.94 26.53
C THR A 74 -1.60 -13.09 25.89
N CYS A 75 -1.23 -11.87 25.52
CA CYS A 75 -2.14 -11.02 24.75
C CYS A 75 -1.37 -10.10 23.83
N ALA A 76 -2.02 -9.55 22.79
CA ALA A 76 -1.36 -8.68 21.83
C ALA A 76 -2.38 -7.76 21.22
N TRP A 77 -2.00 -6.51 20.96
CA TRP A 77 -2.88 -5.53 20.37
C TRP A 77 -2.73 -5.42 18.86
N THR A 78 -3.81 -5.07 18.17
CA THR A 78 -3.79 -4.77 16.76
C THR A 78 -4.91 -3.72 16.49
N TYR A 79 -5.21 -3.46 15.22
CA TYR A 79 -6.30 -2.59 14.81
C TYR A 79 -6.93 -3.19 13.55
N ASP A 80 -8.19 -2.84 13.31
CA ASP A 80 -8.92 -3.27 12.12
C ASP A 80 -8.41 -2.36 11.01
N SER A 81 -7.83 -2.92 9.95
CA SER A 81 -7.26 -2.10 8.85
C SER A 81 -8.30 -1.31 8.05
N ASN A 82 -9.61 -1.64 8.15
CA ASN A 82 -10.63 -0.91 7.40
C ASN A 82 -11.31 0.18 8.20
N THR A 83 -11.50 -0.02 9.50
CA THR A 83 -12.21 0.94 10.33
C THR A 83 -11.35 1.67 11.36
N SER A 84 -10.06 1.28 11.51
CA SER A 84 -9.12 1.84 12.48
C SER A 84 -9.48 1.50 13.95
N HIS A 85 -10.43 0.60 14.18
CA HIS A 85 -10.89 0.21 15.51
C HIS A 85 -9.81 -0.63 16.21
N PRO A 86 -9.49 -0.39 17.49
CA PRO A 86 -8.48 -1.23 18.16
C PRO A 86 -9.01 -2.66 18.37
N LEU A 87 -8.09 -3.65 18.41
CA LEU A 87 -8.42 -5.05 18.66
C LEU A 87 -7.39 -5.68 19.64
N LEU A 88 -7.83 -6.71 20.37
CA LEU A 88 -6.92 -7.37 21.30
C LEU A 88 -7.06 -8.86 21.15
N ALA A 89 -5.96 -9.58 20.96
CA ALA A 89 -5.98 -11.05 20.85
C ALA A 89 -5.46 -11.61 22.16
N VAL A 90 -6.13 -12.65 22.69
CA VAL A 90 -5.74 -13.29 23.95
C VAL A 90 -5.78 -14.82 23.80
N ALA A 91 -4.93 -15.55 24.52
CA ALA A 91 -4.86 -17.03 24.41
C ALA A 91 -4.11 -17.62 25.61
N GLY A 92 -4.29 -18.91 25.87
CA GLY A 92 -3.63 -19.58 26.97
C GLY A 92 -3.76 -21.08 26.95
N SER A 93 -4.06 -21.66 28.12
CA SER A 93 -4.12 -23.10 28.31
C SER A 93 -5.08 -23.86 27.43
N ARG A 94 -6.23 -23.27 27.05
CA ARG A 94 -7.17 -23.97 26.16
C ARG A 94 -6.70 -24.10 24.71
N GLY A 95 -5.68 -23.34 24.32
CA GLY A 95 -5.17 -23.36 22.96
C GLY A 95 -6.13 -22.69 21.99
N ILE A 96 -6.93 -21.74 22.46
CA ILE A 96 -7.92 -21.04 21.64
C ILE A 96 -7.59 -19.55 21.61
N ILE A 97 -7.53 -18.96 20.41
CA ILE A 97 -7.25 -17.53 20.30
C ILE A 97 -8.58 -16.80 20.32
N ARG A 98 -8.73 -15.79 21.17
CA ARG A 98 -9.94 -14.99 21.20
C ARG A 98 -9.62 -13.60 20.73
N ILE A 99 -10.39 -13.09 19.78
CA ILE A 99 -10.22 -11.72 19.31
C ILE A 99 -11.28 -10.90 20.06
N ILE A 100 -10.86 -9.95 20.89
CA ILE A 100 -11.74 -9.13 21.71
C ILE A 100 -11.83 -7.70 21.20
N ASN A 101 -13.04 -7.12 21.25
CA ASN A 101 -13.24 -5.72 20.90
C ASN A 101 -12.89 -5.01 22.19
N PRO A 102 -11.77 -4.26 22.28
CA PRO A 102 -11.41 -3.64 23.57
C PRO A 102 -12.28 -2.46 24.00
N ILE A 103 -13.05 -1.87 23.08
CA ILE A 103 -13.94 -0.77 23.41
C ILE A 103 -15.20 -1.30 24.16
N THR A 104 -15.73 -2.44 23.73
CA THR A 104 -16.91 -3.06 24.37
C THR A 104 -16.55 -4.22 25.34
N MET A 105 -15.31 -4.71 25.28
CA MET A 105 -14.79 -5.84 26.03
C MET A 105 -15.56 -7.13 25.76
N GLN A 106 -16.08 -7.28 24.53
CA GLN A 106 -16.76 -8.50 24.14
C GLN A 106 -15.92 -9.26 23.13
N CYS A 107 -16.05 -10.57 23.12
CA CYS A 107 -15.34 -11.40 22.18
C CYS A 107 -16.00 -11.27 20.80
N ILE A 108 -15.21 -11.06 19.74
CA ILE A 108 -15.73 -10.91 18.38
C ILE A 108 -15.76 -12.28 17.70
N LYS A 109 -14.65 -13.03 17.82
CA LYS A 109 -14.53 -14.34 17.19
C LYS A 109 -13.35 -15.09 17.81
N HIS A 110 -13.16 -16.37 17.43
CA HIS A 110 -12.10 -17.20 17.97
C HIS A 110 -11.48 -18.15 16.93
N TYR A 111 -10.25 -18.61 17.20
CA TYR A 111 -9.56 -19.54 16.31
C TYR A 111 -9.15 -20.75 17.11
N VAL A 112 -9.57 -21.90 16.66
CA VAL A 112 -9.17 -23.17 17.24
C VAL A 112 -8.24 -23.86 16.21
N GLY A 113 -7.47 -24.82 16.67
CA GLY A 113 -6.56 -25.56 15.79
C GLY A 113 -5.32 -26.06 16.48
N HIS A 114 -4.72 -25.25 17.38
CA HIS A 114 -3.54 -25.72 18.12
C HIS A 114 -3.94 -26.91 19.00
N GLY A 115 -3.12 -27.95 19.01
CA GLY A 115 -3.42 -29.13 19.79
C GLY A 115 -3.13 -29.01 21.28
N ASN A 116 -2.61 -27.83 21.71
CA ASN A 116 -2.25 -27.62 23.10
C ASN A 116 -2.21 -26.09 23.38
N ALA A 117 -1.84 -25.70 24.60
CA ALA A 117 -1.79 -24.31 25.05
C ALA A 117 -0.99 -23.39 24.14
N ILE A 118 -1.36 -22.11 24.14
CA ILE A 118 -0.65 -21.06 23.40
C ILE A 118 0.17 -20.23 24.38
N ASN A 119 1.48 -20.17 24.16
CA ASN A 119 2.43 -19.46 25.01
C ASN A 119 2.65 -18.01 24.63
N GLU A 120 2.46 -17.67 23.36
CA GLU A 120 2.66 -16.27 22.94
C GLU A 120 1.89 -15.94 21.69
N LEU A 121 1.42 -14.69 21.62
CA LEU A 121 0.76 -14.14 20.46
C LEU A 121 1.54 -12.90 20.02
N LYS A 122 1.76 -12.74 18.70
CA LYS A 122 2.46 -11.55 18.20
C LYS A 122 1.79 -11.13 16.91
N PHE A 123 1.55 -9.82 16.76
CA PHE A 123 1.03 -9.31 15.50
C PHE A 123 2.18 -8.83 14.64
N HIS A 124 2.07 -8.99 13.31
CA HIS A 124 3.07 -8.51 12.33
C HIS A 124 3.20 -6.98 12.47
N PRO A 125 4.42 -6.44 12.38
CA PRO A 125 4.60 -4.99 12.57
C PRO A 125 4.11 -4.09 11.43
N ARG A 126 3.82 -4.65 10.24
CA ARG A 126 3.34 -3.87 9.08
C ARG A 126 1.92 -4.23 8.70
N ASP A 127 1.57 -5.51 8.82
CA ASP A 127 0.22 -5.95 8.49
C ASP A 127 -0.51 -6.32 9.77
N PRO A 128 -1.52 -5.52 10.14
CA PRO A 128 -2.22 -5.76 11.41
C PRO A 128 -3.11 -7.00 11.45
N ASN A 129 -3.33 -7.64 10.30
CA ASN A 129 -4.17 -8.83 10.25
C ASN A 129 -3.38 -10.12 10.47
N LEU A 130 -2.04 -10.08 10.42
CA LEU A 130 -1.23 -11.28 10.55
C LEU A 130 -0.85 -11.56 11.99
N LEU A 131 -1.45 -12.58 12.56
CA LEU A 131 -1.26 -12.97 13.95
C LEU A 131 -0.46 -14.26 14.04
N LEU A 132 0.62 -14.26 14.80
CA LEU A 132 1.46 -15.43 15.00
C LEU A 132 1.16 -16.00 16.40
N SER A 133 0.90 -17.30 16.49
CA SER A 133 0.69 -17.94 17.78
C SER A 133 1.76 -19.03 17.94
N VAL A 134 2.27 -19.21 19.15
CA VAL A 134 3.31 -20.21 19.42
C VAL A 134 2.77 -21.13 20.50
N SER A 135 2.95 -22.45 20.33
CA SER A 135 2.26 -23.39 21.16
C SER A 135 3.06 -24.56 21.75
N LYS A 136 2.49 -25.12 22.81
CA LYS A 136 2.97 -26.35 23.45
C LYS A 136 2.85 -27.56 22.48
N ASP A 137 2.12 -27.43 21.34
CA ASP A 137 2.03 -28.50 20.35
C ASP A 137 3.28 -28.60 19.45
N HIS A 138 4.35 -27.84 19.76
CA HIS A 138 5.63 -27.83 19.03
C HIS A 138 5.62 -26.98 17.77
N ALA A 139 4.52 -26.28 17.48
CA ALA A 139 4.41 -25.52 16.25
C ALA A 139 4.09 -24.03 16.50
N LEU A 140 4.36 -23.22 15.49
CA LEU A 140 3.92 -21.83 15.38
C LEU A 140 2.87 -21.81 14.27
N ARG A 141 1.88 -20.91 14.39
CA ARG A 141 0.87 -20.79 13.34
C ARG A 141 0.72 -19.32 12.99
N LEU A 142 0.56 -19.03 11.71
CA LEU A 142 0.37 -17.68 11.23
C LEU A 142 -1.07 -17.60 10.72
N TRP A 143 -1.86 -16.67 11.27
CA TRP A 143 -3.27 -16.49 10.93
C TRP A 143 -3.50 -15.14 10.24
N ASN A 144 -4.50 -15.10 9.37
CA ASN A 144 -4.93 -13.84 8.75
C ASN A 144 -6.30 -13.63 9.39
N ILE A 145 -6.39 -12.67 10.33
CA ILE A 145 -7.63 -12.42 11.05
C ILE A 145 -8.62 -11.54 10.27
N GLN A 146 -8.27 -11.07 9.07
CA GLN A 146 -9.24 -10.34 8.23
C GLN A 146 -10.11 -11.41 7.52
N THR A 147 -9.47 -12.45 6.97
CA THR A 147 -10.21 -13.49 6.25
C THR A 147 -10.46 -14.75 7.06
N ASP A 148 -10.01 -14.81 8.34
CA ASP A 148 -10.19 -15.96 9.24
C ASP A 148 -9.53 -17.22 8.69
N THR A 149 -8.33 -17.10 8.15
CA THR A 149 -7.63 -18.23 7.58
C THR A 149 -6.32 -18.53 8.30
N LEU A 150 -5.95 -19.79 8.28
CA LEU A 150 -4.69 -20.23 8.83
C LEU A 150 -3.73 -20.22 7.63
N VAL A 151 -2.83 -19.25 7.59
CA VAL A 151 -1.88 -19.09 6.48
C VAL A 151 -0.83 -20.20 6.44
N ALA A 152 -0.20 -20.48 7.60
CA ALA A 152 0.90 -21.42 7.65
C ALA A 152 1.07 -22.01 9.03
N ILE A 153 1.59 -23.23 9.06
CA ILE A 153 1.98 -23.93 10.28
C ILE A 153 3.48 -24.18 10.14
N PHE A 154 4.29 -23.64 11.06
CA PHE A 154 5.74 -23.78 11.10
C PHE A 154 6.04 -24.89 12.10
N GLY A 155 6.30 -26.06 11.60
CA GLY A 155 6.57 -27.23 12.41
C GLY A 155 6.67 -28.48 11.55
N GLY A 156 7.08 -29.59 12.16
CA GLY A 156 7.21 -30.84 11.42
C GLY A 156 8.62 -31.38 11.44
N VAL A 157 9.08 -31.90 10.28
CA VAL A 157 10.37 -32.59 10.15
C VAL A 157 11.54 -31.89 10.86
N GLU A 158 11.75 -30.59 10.59
CA GLU A 158 12.82 -29.83 11.27
C GLU A 158 12.27 -28.67 12.14
N GLY A 159 11.01 -28.80 12.55
CA GLY A 159 10.41 -27.82 13.46
C GLY A 159 10.86 -28.13 14.88
N HIS A 160 10.31 -27.37 15.84
CA HIS A 160 10.66 -27.59 17.25
C HIS A 160 10.30 -29.01 17.70
N ARG A 161 11.13 -29.62 18.57
CA ARG A 161 10.87 -30.96 19.07
C ARG A 161 10.20 -31.00 20.46
N ASP A 162 9.80 -29.84 20.97
CA ASP A 162 9.15 -29.70 22.26
C ASP A 162 8.38 -28.36 22.24
N GLU A 163 7.70 -28.05 23.33
CA GLU A 163 6.88 -26.84 23.46
C GLU A 163 7.59 -25.56 23.05
N VAL A 164 6.94 -24.75 22.20
CA VAL A 164 7.48 -23.46 21.75
C VAL A 164 7.02 -22.44 22.79
N LEU A 165 7.97 -21.68 23.32
CA LEU A 165 7.72 -20.72 24.39
C LEU A 165 7.58 -19.28 23.96
N SER A 166 8.31 -18.89 22.91
CA SER A 166 8.31 -17.49 22.48
C SER A 166 8.67 -17.35 21.01
N ALA A 167 8.28 -16.21 20.41
CA ALA A 167 8.66 -15.88 19.06
C ALA A 167 8.57 -14.37 18.84
N ASP A 168 9.28 -13.88 17.81
CA ASP A 168 9.27 -12.44 17.55
C ASP A 168 9.49 -12.21 16.08
N TYR A 169 8.77 -11.22 15.54
CA TYR A 169 9.01 -10.79 14.18
C TYR A 169 10.15 -9.77 14.26
N ASP A 170 10.96 -9.64 13.20
CA ASP A 170 11.98 -8.58 13.16
C ASP A 170 11.24 -7.23 12.89
N LEU A 171 11.95 -6.08 12.91
CA LEU A 171 11.30 -4.76 12.76
C LEU A 171 10.44 -4.59 11.50
N LEU A 172 10.93 -5.06 10.35
CA LEU A 172 10.15 -4.91 9.11
C LEU A 172 9.18 -6.08 8.83
N GLY A 173 9.16 -7.11 9.66
CA GLY A 173 8.23 -8.22 9.48
C GLY A 173 8.58 -9.13 8.31
N GLU A 174 9.86 -9.32 8.10
CA GLU A 174 10.36 -10.20 7.03
C GLU A 174 10.67 -11.60 7.54
N LYS A 175 10.86 -11.76 8.87
CA LYS A 175 11.26 -13.04 9.42
C LYS A 175 10.90 -13.15 10.91
N ILE A 176 10.86 -14.39 11.39
CA ILE A 176 10.49 -14.71 12.76
C ILE A 176 11.60 -15.54 13.39
N MET A 177 11.93 -15.26 14.67
CA MET A 177 12.79 -16.16 15.41
C MET A 177 11.89 -16.79 16.47
N SER A 178 11.93 -18.11 16.63
CA SER A 178 11.15 -18.79 17.68
C SER A 178 12.10 -19.56 18.61
N CYS A 179 11.64 -19.88 19.81
CA CYS A 179 12.47 -20.65 20.76
C CYS A 179 11.60 -21.49 21.68
N GLY A 180 12.18 -22.54 22.25
CA GLY A 180 11.41 -23.37 23.18
C GLY A 180 12.15 -24.32 24.07
N MET A 181 11.37 -25.25 24.62
CA MET A 181 11.81 -26.30 25.54
C MET A 181 12.88 -27.22 24.97
N ASP A 182 13.02 -27.27 23.63
CA ASP A 182 14.04 -28.11 23.02
C ASP A 182 15.42 -27.43 22.99
N HIS A 183 15.58 -26.27 23.66
CA HIS A 183 16.80 -25.44 23.76
C HIS A 183 17.14 -24.73 22.45
N SER A 184 16.30 -24.84 21.41
CA SER A 184 16.68 -24.30 20.12
C SER A 184 16.02 -22.97 19.79
N LEU A 185 16.72 -22.22 18.94
CA LEU A 185 16.26 -20.96 18.38
C LEU A 185 16.21 -21.22 16.87
N LYS A 186 15.02 -21.02 16.26
CA LYS A 186 14.81 -21.28 14.84
C LYS A 186 14.32 -20.03 14.09
N LEU A 187 14.89 -19.81 12.91
CA LEU A 187 14.54 -18.68 12.07
C LEU A 187 13.55 -19.16 11.01
N TRP A 188 12.48 -18.40 10.77
CA TRP A 188 11.49 -18.73 9.75
C TRP A 188 11.28 -17.48 8.90
N ARG A 189 11.81 -17.49 7.67
CA ARG A 189 11.64 -16.33 6.80
C ARG A 189 10.22 -16.28 6.26
N ILE A 190 9.57 -15.12 6.36
CA ILE A 190 8.24 -14.95 5.77
C ILE A 190 8.26 -13.99 4.56
N ASN A 191 9.46 -13.52 4.13
CA ASN A 191 9.59 -12.76 2.90
C ASN A 191 10.04 -13.70 1.76
N SER A 192 9.95 -15.04 1.93
CA SER A 192 10.27 -15.97 0.86
C SER A 192 9.16 -15.83 -0.17
N LYS A 193 9.44 -16.20 -1.43
CA LYS A 193 8.40 -16.13 -2.46
C LYS A 193 7.19 -17.01 -2.06
N ARG A 194 7.47 -18.18 -1.44
CA ARG A 194 6.43 -19.11 -0.99
C ARG A 194 5.51 -18.48 0.04
N MET A 195 6.08 -17.89 1.10
CA MET A 195 5.30 -17.28 2.18
C MET A 195 4.59 -16.00 1.76
N MET A 196 5.22 -15.16 0.92
CA MET A 196 4.55 -13.93 0.44
C MET A 196 3.33 -14.32 -0.41
N ASN A 197 3.46 -15.39 -1.21
CA ASN A 197 2.33 -15.84 -2.04
C ASN A 197 1.23 -16.44 -1.15
N ALA A 198 1.59 -17.20 -0.14
CA ALA A 198 0.63 -17.80 0.79
C ALA A 198 -0.16 -16.69 1.52
N ILE A 199 0.53 -15.60 1.92
CA ILE A 199 -0.14 -14.50 2.58
C ILE A 199 -1.10 -13.83 1.60
N LYS A 200 -0.67 -13.62 0.34
CA LYS A 200 -1.55 -13.02 -0.66
C LYS A 200 -2.79 -13.92 -0.91
N GLU A 201 -2.59 -15.24 -1.01
CA GLU A 201 -3.70 -16.18 -1.22
C GLU A 201 -4.68 -16.17 -0.05
N SER A 202 -4.18 -15.97 1.19
CA SER A 202 -5.08 -15.89 2.33
C SER A 202 -5.97 -14.64 2.23
N TYR A 203 -5.54 -13.58 1.54
CA TYR A 203 -6.38 -12.39 1.32
C TYR A 203 -7.41 -12.62 0.20
N ASP A 204 -7.04 -13.42 -0.80
CA ASP A 204 -7.96 -13.73 -1.91
C ASP A 204 -9.06 -14.71 -1.49
N TYR A 205 -8.87 -15.47 -0.39
CA TYR A 205 -9.85 -16.47 0.04
C TYR A 205 -11.20 -15.84 0.34
N PRO A 213 -12.65 -24.08 2.15
CA PRO A 213 -11.52 -24.69 2.88
C PRO A 213 -10.17 -24.24 2.34
N PHE A 214 -9.61 -23.21 2.99
CA PHE A 214 -8.31 -22.65 2.59
C PHE A 214 -7.23 -23.64 2.97
N ILE A 215 -6.23 -23.84 2.10
CA ILE A 215 -5.15 -24.77 2.38
C ILE A 215 -3.94 -24.05 2.98
N SER A 216 -3.58 -24.40 4.19
CA SER A 216 -2.46 -23.78 4.89
C SER A 216 -1.13 -24.33 4.39
N GLN A 217 -0.09 -23.48 4.39
CA GLN A 217 1.25 -23.96 4.07
C GLN A 217 1.73 -24.74 5.28
N LYS A 218 2.45 -25.81 5.03
CA LYS A 218 3.05 -26.59 6.10
C LYS A 218 4.54 -26.39 5.92
N ILE A 219 5.12 -25.48 6.69
CA ILE A 219 6.55 -25.17 6.63
C ILE A 219 7.32 -26.12 7.57
N HIS A 220 7.91 -27.19 7.02
CA HIS A 220 8.63 -28.17 7.86
C HIS A 220 10.07 -27.79 8.18
N PHE A 221 10.64 -26.84 7.44
CA PHE A 221 12.05 -26.54 7.56
C PHE A 221 12.33 -25.08 7.83
N PRO A 222 13.06 -24.79 8.93
CA PRO A 222 13.42 -23.39 9.20
C PRO A 222 14.63 -22.97 8.34
N ASP A 223 14.84 -21.66 8.26
CA ASP A 223 15.95 -21.05 7.54
C ASP A 223 17.26 -20.97 8.34
N PHE A 224 17.22 -21.37 9.60
CA PHE A 224 18.37 -21.42 10.52
C PHE A 224 17.90 -22.09 11.80
N SER A 225 18.81 -22.84 12.43
CA SER A 225 18.49 -23.45 13.72
C SER A 225 19.77 -23.58 14.54
N THR A 226 19.69 -23.29 15.85
CA THR A 226 20.82 -23.47 16.74
C THR A 226 20.35 -23.93 18.09
N ARG A 227 21.14 -24.79 18.73
CA ARG A 227 20.98 -25.19 20.12
C ARG A 227 22.28 -24.84 20.90
N ASP A 228 23.14 -23.95 20.34
CA ASP A 228 24.44 -23.61 20.88
C ASP A 228 24.51 -22.28 21.63
N ILE A 229 23.37 -21.68 21.95
CA ILE A 229 23.36 -20.42 22.68
C ILE A 229 23.14 -20.69 24.18
N HIS A 230 22.13 -21.50 24.49
CA HIS A 230 21.76 -21.82 25.86
C HIS A 230 21.84 -23.32 26.12
N ARG A 231 21.96 -23.69 27.39
CA ARG A 231 22.05 -25.11 27.76
C ARG A 231 20.75 -25.67 28.35
N ASN A 232 19.64 -24.94 28.23
CA ASN A 232 18.37 -25.37 28.75
C ASN A 232 17.21 -24.70 27.95
N TYR A 233 15.97 -24.73 28.47
CA TYR A 233 14.81 -24.11 27.82
C TYR A 233 15.08 -22.65 27.44
N VAL A 234 14.57 -22.18 26.30
CA VAL A 234 14.73 -20.78 25.89
C VAL A 234 13.31 -20.27 25.94
N ASP A 235 13.02 -19.40 26.93
CA ASP A 235 11.65 -18.97 27.13
C ASP A 235 11.33 -17.57 26.64
N CYS A 236 12.30 -16.84 26.07
CA CYS A 236 12.02 -15.51 25.55
C CYS A 236 13.02 -15.16 24.48
N VAL A 237 12.54 -14.64 23.36
CA VAL A 237 13.39 -14.23 22.26
C VAL A 237 12.84 -12.96 21.63
N ARG A 238 13.72 -11.99 21.35
CA ARG A 238 13.34 -10.78 20.62
C ARG A 238 14.46 -10.40 19.68
N TRP A 239 14.11 -9.82 18.54
CA TRP A 239 15.11 -9.27 17.64
C TRP A 239 15.62 -7.92 18.18
N LEU A 240 16.91 -7.65 18.02
CA LEU A 240 17.50 -6.35 18.33
C LEU A 240 18.21 -5.98 17.00
N GLY A 241 17.45 -5.43 16.06
CA GLY A 241 17.96 -5.11 14.73
C GLY A 241 18.16 -6.42 13.99
N ASP A 242 19.38 -6.69 13.54
CA ASP A 242 19.75 -7.97 12.93
C ASP A 242 20.29 -8.98 13.98
N LEU A 243 20.46 -8.55 15.21
CA LEU A 243 20.95 -9.40 16.29
C LEU A 243 19.76 -9.97 17.06
N ILE A 244 19.99 -10.96 17.90
CA ILE A 244 18.95 -11.60 18.67
C ILE A 244 19.23 -11.48 20.16
N LEU A 245 18.19 -11.30 20.95
CA LEU A 245 18.27 -11.33 22.41
C LEU A 245 17.47 -12.57 22.82
N SER A 246 18.04 -13.41 23.69
CA SER A 246 17.31 -14.58 24.18
C SER A 246 17.77 -14.97 25.56
N LYS A 247 16.87 -15.60 26.32
CA LYS A 247 17.21 -16.02 27.67
C LYS A 247 16.79 -17.43 27.97
N SER A 248 17.51 -18.04 28.87
CA SER A 248 17.27 -19.36 29.40
C SER A 248 17.26 -19.18 30.97
N CYS A 249 17.85 -20.11 31.70
CA CYS A 249 17.90 -20.05 33.16
C CYS A 249 19.27 -19.61 33.69
N GLU A 250 20.20 -19.17 32.84
CA GLU A 250 21.55 -18.84 33.27
C GLU A 250 21.69 -17.45 33.92
N ASN A 251 20.58 -16.78 34.26
CA ASN A 251 20.57 -15.43 34.81
C ASN A 251 21.22 -14.43 33.89
N ALA A 252 21.03 -14.63 32.58
CA ALA A 252 21.60 -13.74 31.58
C ALA A 252 20.74 -13.74 30.32
N ILE A 253 20.61 -12.57 29.71
CA ILE A 253 20.00 -12.44 28.40
C ILE A 253 21.23 -12.40 27.46
N VAL A 254 21.25 -13.27 26.46
CA VAL A 254 22.36 -13.33 25.52
C VAL A 254 22.07 -12.60 24.24
N CYS A 255 23.01 -11.75 23.80
CA CYS A 255 22.91 -11.08 22.52
C CYS A 255 23.79 -11.85 21.57
N TRP A 256 23.22 -12.37 20.50
CA TRP A 256 23.96 -13.20 19.57
C TRP A 256 23.44 -13.02 18.13
N LYS A 257 24.13 -13.64 17.17
CA LYS A 257 23.70 -13.60 15.79
C LYS A 257 24.03 -14.92 15.11
N PRO A 258 23.20 -15.34 14.15
CA PRO A 258 23.53 -16.54 13.37
C PRO A 258 24.81 -16.29 12.55
N GLY A 259 25.55 -17.36 12.30
CA GLY A 259 26.78 -17.30 11.53
C GLY A 259 27.96 -16.70 12.24
N LYS A 260 29.04 -16.44 11.51
CA LYS A 260 30.22 -15.80 12.04
C LYS A 260 29.98 -14.28 12.16
N MET A 261 30.87 -13.58 12.86
CA MET A 261 30.77 -12.15 13.15
C MET A 261 30.31 -11.28 11.98
N GLU A 262 30.90 -11.48 10.82
CA GLU A 262 30.62 -10.66 9.65
C GLU A 262 29.50 -11.16 8.73
N ASP A 263 28.88 -12.29 9.08
CA ASP A 263 27.83 -12.85 8.25
C ASP A 263 26.53 -12.03 8.25
N ASP A 264 26.05 -11.66 7.06
CA ASP A 264 24.83 -10.90 6.87
C ASP A 264 23.66 -11.83 7.19
N ILE A 265 22.68 -11.36 7.99
CA ILE A 265 21.51 -12.15 8.35
C ILE A 265 20.74 -12.64 7.12
N ASP A 266 20.74 -11.86 6.03
CA ASP A 266 20.01 -12.26 4.83
C ASP A 266 20.81 -13.15 3.87
N LYS A 267 22.06 -13.48 4.22
CA LYS A 267 22.89 -14.38 3.43
C LYS A 267 23.20 -15.69 4.17
N ILE A 268 22.67 -15.86 5.40
CA ILE A 268 22.79 -17.06 6.20
C ILE A 268 22.13 -18.22 5.44
N LYS A 269 22.86 -19.33 5.23
CA LYS A 269 22.29 -20.50 4.56
C LYS A 269 21.55 -21.37 5.63
N PRO A 270 20.47 -22.09 5.25
CA PRO A 270 19.73 -22.88 6.27
C PRO A 270 20.56 -23.92 7.04
N SER A 271 21.68 -24.38 6.46
CA SER A 271 22.56 -25.35 7.14
C SER A 271 23.67 -24.67 7.96
N GLU A 272 23.68 -23.34 8.07
CA GLU A 272 24.69 -22.60 8.84
C GLU A 272 24.85 -23.17 10.26
N SER A 273 26.05 -23.65 10.58
CA SER A 273 26.31 -24.28 11.87
C SER A 273 26.93 -23.34 12.89
N ASN A 274 27.38 -22.14 12.50
CA ASN A 274 28.02 -21.22 13.44
C ASN A 274 27.05 -20.20 14.04
N VAL A 275 27.41 -19.67 15.22
CA VAL A 275 26.74 -18.58 15.94
C VAL A 275 27.84 -17.69 16.53
N THR A 276 27.54 -16.40 16.72
CA THR A 276 28.48 -15.48 17.32
C THR A 276 27.80 -14.78 18.49
N ILE A 277 28.40 -14.85 19.68
CA ILE A 277 27.88 -14.18 20.86
C ILE A 277 28.52 -12.80 20.89
N LEU A 278 27.71 -11.76 21.05
CA LEU A 278 28.18 -10.39 21.08
C LEU A 278 28.23 -9.81 22.49
N GLY A 279 27.41 -10.32 23.40
CA GLY A 279 27.38 -9.86 24.78
C GLY A 279 26.32 -10.51 25.64
N ARG A 280 26.33 -10.21 26.94
CA ARG A 280 25.37 -10.75 27.89
C ARG A 280 24.91 -9.67 28.85
N PHE A 281 23.63 -9.69 29.19
CA PHE A 281 23.04 -8.77 30.15
C PHE A 281 22.77 -9.63 31.38
N ASP A 282 23.59 -9.46 32.43
CA ASP A 282 23.49 -10.25 33.65
C ASP A 282 22.52 -9.68 34.68
N TYR A 283 21.89 -10.57 35.42
CA TYR A 283 20.93 -10.22 36.49
C TYR A 283 20.93 -11.35 37.54
N SER A 284 20.03 -11.31 38.52
CA SER A 284 19.97 -12.32 39.57
C SER A 284 18.56 -12.83 39.79
N GLN A 285 18.45 -14.02 40.42
CA GLN A 285 17.20 -14.58 40.88
C GLN A 285 16.10 -14.64 39.80
N CYS A 286 16.43 -15.17 38.61
CA CYS A 286 15.46 -15.31 37.53
C CYS A 286 15.84 -16.55 36.74
N ASP A 287 16.04 -17.67 37.45
CA ASP A 287 16.45 -18.90 36.82
C ASP A 287 15.35 -19.94 36.62
N ILE A 288 14.08 -19.54 36.73
CA ILE A 288 12.91 -20.41 36.52
C ILE A 288 12.20 -19.95 35.24
N TRP A 289 11.67 -20.92 34.45
N TRP A 289 11.51 -20.87 34.60
CA TRP A 289 11.03 -20.59 33.18
CA TRP A 289 10.79 -20.69 33.35
C TRP A 289 9.70 -19.83 33.36
C TRP A 289 9.61 -19.78 33.42
N TYR A 290 9.28 -19.17 32.28
CA TYR A 290 8.12 -18.30 32.14
C TYR A 290 8.37 -16.91 32.76
N MET A 291 9.45 -16.25 32.34
CA MET A 291 9.77 -14.88 32.76
C MET A 291 10.16 -14.14 31.49
N ARG A 292 9.38 -13.12 31.06
CA ARG A 292 9.69 -12.42 29.82
C ARG A 292 10.47 -11.16 30.01
N PHE A 293 11.31 -10.81 29.04
CA PHE A 293 11.94 -9.51 28.97
C PHE A 293 11.24 -8.73 27.84
N SER A 294 11.36 -7.42 27.89
CA SER A 294 10.68 -6.53 26.95
C SER A 294 11.56 -5.35 26.61
N MET A 295 11.23 -4.68 25.52
CA MET A 295 11.93 -3.47 25.12
C MET A 295 10.89 -2.37 24.84
N ASP A 296 11.36 -1.13 24.84
CA ASP A 296 10.51 -0.01 24.46
C ASP A 296 10.44 0.03 22.92
N PHE A 297 9.59 0.89 22.35
CA PHE A 297 9.41 0.96 20.91
C PHE A 297 10.70 1.26 20.16
N TRP A 298 11.45 2.26 20.63
CA TRP A 298 12.70 2.64 19.96
C TRP A 298 13.87 1.69 20.24
N GLN A 299 13.66 0.66 21.07
CA GLN A 299 14.69 -0.31 21.44
C GLN A 299 15.90 0.38 22.04
N LYS A 300 15.65 1.37 22.90
CA LYS A 300 16.65 2.07 23.67
C LYS A 300 16.72 1.52 25.10
N MET A 301 15.68 0.80 25.57
CA MET A 301 15.66 0.22 26.91
C MET A 301 15.21 -1.23 26.86
N LEU A 302 15.79 -2.02 27.74
CA LEU A 302 15.50 -3.44 27.88
C LEU A 302 15.09 -3.63 29.34
N ALA A 303 14.03 -4.39 29.61
CA ALA A 303 13.56 -4.58 30.98
C ALA A 303 13.25 -6.05 31.27
N LEU A 304 13.50 -6.48 32.50
CA LEU A 304 13.19 -7.84 32.91
C LEU A 304 12.95 -7.87 34.41
N GLY A 305 11.87 -8.50 34.83
CA GLY A 305 11.57 -8.71 36.23
C GLY A 305 12.15 -10.01 36.72
N ASN A 306 12.35 -10.14 38.03
CA ASN A 306 12.92 -11.36 38.59
C ASN A 306 11.92 -12.00 39.57
N GLN A 307 12.27 -13.17 40.14
CA GLN A 307 11.41 -13.93 41.04
C GLN A 307 11.08 -13.26 42.34
N VAL A 308 11.85 -12.25 42.78
CA VAL A 308 11.59 -11.61 44.08
C VAL A 308 11.11 -10.14 43.94
N GLY A 309 10.56 -9.79 42.78
CA GLY A 309 9.99 -8.47 42.59
C GLY A 309 10.94 -7.36 42.18
N LYS A 310 12.18 -7.68 41.81
CA LYS A 310 13.13 -6.66 41.32
C LYS A 310 12.91 -6.48 39.81
N LEU A 311 13.02 -5.25 39.35
CA LEU A 311 12.84 -4.92 37.93
C LEU A 311 14.13 -4.35 37.38
N TYR A 312 14.82 -5.10 36.54
CA TYR A 312 16.07 -4.66 35.93
C TYR A 312 15.82 -3.90 34.65
N VAL A 313 16.58 -2.83 34.43
CA VAL A 313 16.46 -2.05 33.20
C VAL A 313 17.87 -1.76 32.68
N TRP A 314 18.08 -1.89 31.37
CA TRP A 314 19.37 -1.61 30.74
C TRP A 314 19.17 -0.58 29.61
N ASP A 315 20.18 0.26 29.38
CA ASP A 315 20.19 1.24 28.31
C ASP A 315 20.88 0.61 27.13
N LEU A 316 20.12 0.25 26.10
CA LEU A 316 20.66 -0.40 24.90
C LEU A 316 21.52 0.50 24.02
N GLU A 317 21.60 1.81 24.33
CA GLU A 317 22.48 2.71 23.60
C GLU A 317 23.90 2.75 24.20
N VAL A 318 24.16 1.99 25.30
CA VAL A 318 25.47 1.84 25.91
C VAL A 318 25.98 0.48 25.42
N GLU A 319 27.06 0.47 24.65
CA GLU A 319 27.60 -0.74 24.03
C GLU A 319 27.97 -1.87 25.00
N ASP A 320 28.73 -1.58 26.06
CA ASP A 320 29.10 -2.61 27.04
C ASP A 320 27.89 -2.92 27.93
N PRO A 321 27.37 -4.17 27.89
CA PRO A 321 26.21 -4.51 28.72
C PRO A 321 26.37 -4.36 30.24
N HIS A 322 27.62 -4.25 30.74
CA HIS A 322 27.85 -4.02 32.15
C HIS A 322 27.62 -2.54 32.48
N LYS A 323 28.14 -1.64 31.62
CA LYS A 323 27.90 -0.21 31.80
C LYS A 323 26.45 0.21 31.43
N ALA A 324 25.74 -0.66 30.70
CA ALA A 324 24.36 -0.42 30.28
C ALA A 324 23.35 -0.53 31.42
N LYS A 325 23.69 -1.20 32.52
CA LYS A 325 22.75 -1.41 33.62
C LYS A 325 22.30 -0.14 34.33
N CYS A 326 20.98 0.04 34.44
CA CYS A 326 20.37 1.16 35.14
C CYS A 326 20.22 0.75 36.60
N THR A 327 19.82 1.70 37.47
CA THR A 327 19.51 1.37 38.85
C THR A 327 18.29 0.42 38.84
N THR A 328 18.41 -0.73 39.50
CA THR A 328 17.35 -1.73 39.58
C THR A 328 16.17 -1.14 40.33
N LEU A 329 14.98 -1.34 39.79
CA LEU A 329 13.76 -0.80 40.37
C LEU A 329 13.20 -1.73 41.42
N THR A 330 13.12 -1.27 42.69
CA THR A 330 12.59 -2.08 43.77
C THR A 330 11.60 -1.30 44.64
N HIS A 331 10.65 -2.02 45.21
CA HIS A 331 9.69 -1.45 46.17
C HIS A 331 9.59 -2.51 47.26
N HIS A 332 9.64 -2.09 48.53
CA HIS A 332 9.59 -3.04 49.64
C HIS A 332 8.31 -3.91 49.62
N LYS A 333 7.19 -3.42 49.03
CA LYS A 333 5.97 -4.23 48.94
C LYS A 333 5.86 -5.08 47.68
N CYS A 334 6.80 -4.95 46.76
CA CYS A 334 6.80 -5.72 45.52
C CYS A 334 7.79 -6.86 45.70
N GLY A 335 7.29 -8.03 46.12
CA GLY A 335 8.13 -9.18 46.39
C GLY A 335 7.80 -10.43 45.59
N ALA A 336 6.74 -10.37 44.78
CA ALA A 336 6.34 -11.52 43.97
C ALA A 336 7.04 -11.55 42.59
N ALA A 337 7.09 -12.71 41.92
CA ALA A 337 7.73 -12.81 40.60
C ALA A 337 7.08 -11.85 39.59
N ILE A 338 7.89 -11.07 38.87
CA ILE A 338 7.40 -10.17 37.82
C ILE A 338 7.46 -10.96 36.51
N ARG A 339 6.28 -11.41 36.01
CA ARG A 339 6.22 -12.30 34.84
C ARG A 339 6.51 -11.58 33.54
N GLN A 340 5.98 -10.35 33.42
CA GLN A 340 6.17 -9.55 32.22
C GLN A 340 6.06 -8.06 32.56
N THR A 341 6.73 -7.23 31.73
CA THR A 341 6.69 -5.77 31.86
C THR A 341 6.31 -5.20 30.50
N SER A 342 5.89 -3.94 30.47
CA SER A 342 5.56 -3.27 29.24
C SER A 342 5.81 -1.78 29.36
N PHE A 343 6.52 -1.22 28.39
CA PHE A 343 6.73 0.21 28.32
C PHE A 343 5.58 0.81 27.48
N SER A 344 5.17 2.04 27.82
CA SER A 344 4.23 2.77 26.97
C SER A 344 5.01 3.14 25.69
N ARG A 345 4.32 3.49 24.59
CA ARG A 345 4.97 3.80 23.33
C ARG A 345 6.03 4.88 23.45
N ASP A 346 5.75 5.92 24.26
CA ASP A 346 6.71 7.02 24.43
C ASP A 346 7.78 6.75 25.50
N SER A 347 7.81 5.54 26.09
CA SER A 347 8.76 5.13 27.14
C SER A 347 8.62 5.88 28.48
N SER A 348 7.58 6.70 28.65
CA SER A 348 7.41 7.45 29.91
C SER A 348 6.88 6.58 31.05
N ILE A 349 6.26 5.43 30.74
CA ILE A 349 5.69 4.56 31.80
C ILE A 349 6.12 3.13 31.57
N LEU A 350 6.46 2.42 32.65
CA LEU A 350 6.84 1.00 32.61
C LEU A 350 5.93 0.32 33.64
N ILE A 351 5.15 -0.67 33.19
CA ILE A 351 4.24 -1.41 34.07
C ILE A 351 4.81 -2.81 34.27
N ALA A 352 4.75 -3.34 35.49
CA ALA A 352 5.18 -4.69 35.77
C ALA A 352 3.99 -5.46 36.39
N VAL A 353 3.84 -6.73 36.05
CA VAL A 353 2.73 -7.55 36.59
C VAL A 353 3.31 -8.78 37.29
N CYS A 354 2.65 -9.23 38.36
CA CYS A 354 3.19 -10.24 39.27
C CYS A 354 2.34 -11.48 39.51
N ASP A 355 2.98 -12.53 40.09
CA ASP A 355 2.33 -13.76 40.50
C ASP A 355 1.26 -13.58 41.58
N ASP A 356 1.30 -12.48 42.33
CA ASP A 356 0.30 -12.23 43.38
C ASP A 356 -0.83 -11.30 42.90
N ALA A 357 -1.04 -11.21 41.57
CA ALA A 357 -2.04 -10.37 40.88
C ALA A 357 -1.79 -8.88 41.02
N SER A 358 -0.59 -8.46 41.43
CA SER A 358 -0.31 -7.04 41.58
C SER A 358 0.25 -6.46 40.28
N ILE A 359 0.00 -5.16 40.09
CA ILE A 359 0.39 -4.35 38.95
C ILE A 359 1.17 -3.19 39.53
N TRP A 360 2.34 -2.85 38.95
CA TRP A 360 3.20 -1.79 39.47
C TRP A 360 3.49 -0.75 38.39
N ARG A 361 3.29 0.51 38.69
CA ARG A 361 3.51 1.57 37.72
C ARG A 361 4.77 2.37 38.06
N TRP A 362 5.71 2.43 37.11
CA TRP A 362 6.95 3.16 37.26
C TRP A 362 6.97 4.25 36.19
N ASP A 363 7.09 5.52 36.59
CA ASP A 363 7.15 6.63 35.65
C ASP A 363 8.58 7.09 35.47
N ARG A 364 8.99 7.32 34.22
CA ARG A 364 10.35 7.75 33.93
C ARG A 364 10.56 9.21 34.33
N LEU A 365 11.62 9.50 35.09
CA LEU A 365 11.94 10.86 35.56
C LEU A 365 12.70 11.67 34.50
N LYS B 2 18.41 11.16 -34.78
CA LYS B 2 17.29 10.95 -35.70
C LYS B 2 16.47 9.71 -35.33
N CYS B 3 15.20 9.68 -35.75
CA CYS B 3 14.33 8.55 -35.46
C CYS B 3 14.60 7.34 -36.35
N LYS B 4 14.48 6.15 -35.76
CA LYS B 4 14.65 4.90 -36.50
C LYS B 4 13.36 4.05 -36.57
N TYR B 5 12.30 4.42 -35.81
CA TYR B 5 11.06 3.66 -35.79
C TYR B 5 10.40 3.55 -37.15
N SER B 6 10.03 2.32 -37.53
CA SER B 6 9.34 2.09 -38.78
C SER B 6 8.15 1.15 -38.58
N PHE B 7 7.11 1.34 -39.37
CA PHE B 7 5.88 0.55 -39.23
C PHE B 7 5.36 0.08 -40.58
N LYS B 8 4.59 -0.99 -40.58
CA LYS B 8 4.00 -1.55 -41.78
C LYS B 8 2.49 -1.66 -41.55
N CYS B 9 1.67 -1.19 -42.50
CA CYS B 9 0.24 -1.32 -42.36
C CYS B 9 -0.12 -2.74 -42.71
N VAL B 10 -0.67 -3.47 -41.74
CA VAL B 10 -0.96 -4.89 -41.94
C VAL B 10 -2.43 -5.22 -42.09
N ASN B 11 -3.34 -4.31 -41.73
CA ASN B 11 -4.76 -4.59 -41.84
C ASN B 11 -5.60 -3.35 -41.66
N SER B 12 -6.82 -3.44 -42.12
CA SER B 12 -7.83 -2.42 -41.90
C SER B 12 -9.22 -3.09 -42.00
N LEU B 13 -10.19 -2.48 -41.35
CA LEU B 13 -11.56 -2.92 -41.42
C LEU B 13 -12.49 -1.72 -41.20
N LYS B 14 -13.77 -1.86 -41.50
CA LYS B 14 -14.73 -0.80 -41.26
C LYS B 14 -15.87 -1.35 -40.40
N GLU B 15 -16.30 -0.61 -39.38
CA GLU B 15 -17.41 -1.06 -38.55
C GLU B 15 -18.71 -0.79 -39.33
N ASP B 16 -19.67 -1.71 -39.28
CA ASP B 16 -20.92 -1.61 -40.08
C ASP B 16 -21.80 -0.43 -39.78
N HIS B 17 -21.66 0.21 -38.60
CA HIS B 17 -22.50 1.36 -38.28
C HIS B 17 -22.19 2.58 -39.16
N ASN B 18 -20.98 2.64 -39.78
CA ASN B 18 -20.51 3.72 -40.67
C ASN B 18 -20.44 5.09 -40.00
N GLN B 19 -20.45 5.14 -38.66
CA GLN B 19 -20.37 6.40 -37.92
C GLN B 19 -18.94 6.66 -37.49
N PRO B 20 -18.56 7.94 -37.28
CA PRO B 20 -17.18 8.22 -36.86
C PRO B 20 -16.76 7.50 -35.59
N LEU B 21 -15.50 7.07 -35.55
CA LEU B 21 -14.93 6.47 -34.36
C LEU B 21 -14.12 7.56 -33.69
N PHE B 22 -14.48 7.92 -32.45
CA PHE B 22 -13.82 9.00 -31.73
C PHE B 22 -12.78 8.58 -30.71
N GLY B 23 -12.75 7.29 -30.39
CA GLY B 23 -11.82 6.80 -29.38
C GLY B 23 -11.35 5.40 -29.67
N VAL B 24 -10.12 5.12 -29.26
CA VAL B 24 -9.50 3.79 -29.35
C VAL B 24 -8.53 3.65 -28.21
N GLN B 25 -8.57 2.50 -27.52
CA GLN B 25 -7.69 2.29 -26.39
C GLN B 25 -7.32 0.83 -26.29
N PHE B 26 -6.02 0.54 -26.30
CA PHE B 26 -5.55 -0.80 -25.98
C PHE B 26 -5.70 -0.96 -24.46
N ASN B 27 -5.94 -2.18 -24.00
CA ASN B 27 -6.03 -2.47 -22.58
C ASN B 27 -4.58 -2.72 -22.14
N TRP B 28 -3.98 -1.75 -21.45
CA TRP B 28 -2.61 -1.91 -20.93
C TRP B 28 -2.55 -2.67 -19.60
N HIS B 29 -3.69 -3.09 -19.05
CA HIS B 29 -3.69 -3.88 -17.81
C HIS B 29 -3.49 -5.37 -18.07
N SER B 30 -3.73 -5.85 -19.30
CA SER B 30 -3.53 -7.27 -19.60
C SER B 30 -2.07 -7.70 -19.35
N LYS B 31 -1.87 -8.87 -18.76
CA LYS B 31 -0.54 -9.32 -18.41
C LYS B 31 0.27 -9.77 -19.62
N GLU B 32 1.60 -9.75 -19.50
CA GLU B 32 2.55 -10.14 -20.52
C GLU B 32 2.22 -11.57 -20.97
N GLY B 33 2.07 -11.74 -22.28
CA GLY B 33 1.71 -13.05 -22.83
C GLY B 33 0.25 -13.15 -23.22
N ASP B 34 -0.63 -12.40 -22.53
CA ASP B 34 -2.06 -12.41 -22.86
C ASP B 34 -2.35 -11.66 -24.16
N PRO B 35 -3.44 -11.99 -24.86
CA PRO B 35 -3.69 -11.36 -26.16
C PRO B 35 -3.91 -9.86 -26.07
N LEU B 36 -3.42 -9.13 -27.09
CA LEU B 36 -3.54 -7.70 -27.13
C LEU B 36 -4.95 -7.31 -27.53
N VAL B 37 -5.63 -6.60 -26.63
CA VAL B 37 -7.01 -6.24 -26.86
C VAL B 37 -7.17 -4.73 -26.90
N PHE B 38 -8.02 -4.24 -27.79
CA PHE B 38 -8.32 -2.80 -27.81
C PHE B 38 -9.80 -2.58 -27.97
N ALA B 39 -10.28 -1.42 -27.51
CA ALA B 39 -11.68 -1.04 -27.60
C ALA B 39 -11.78 0.17 -28.54
N THR B 40 -12.86 0.25 -29.32
CA THR B 40 -13.15 1.41 -30.17
C THR B 40 -14.50 1.97 -29.70
N VAL B 41 -14.72 3.29 -29.82
CA VAL B 41 -15.98 3.90 -29.45
C VAL B 41 -16.39 4.87 -30.52
N GLY B 42 -17.67 4.85 -30.80
CA GLY B 42 -18.31 5.68 -31.81
C GLY B 42 -19.77 5.33 -31.91
N SER B 43 -20.61 6.24 -32.43
CA SER B 43 -22.07 6.02 -32.47
C SER B 43 -22.55 5.77 -30.98
N ASN B 44 -23.47 4.85 -30.70
CA ASN B 44 -23.80 4.46 -29.33
C ASN B 44 -23.15 3.09 -29.08
N ARG B 45 -21.94 2.87 -29.62
CA ARG B 45 -21.27 1.58 -29.54
C ARG B 45 -19.88 1.56 -28.95
N VAL B 46 -19.54 0.42 -28.36
CA VAL B 46 -18.23 0.11 -27.84
C VAL B 46 -17.89 -1.26 -28.43
N THR B 47 -16.77 -1.39 -29.13
CA THR B 47 -16.44 -2.69 -29.74
C THR B 47 -15.07 -3.18 -29.30
N LEU B 48 -14.93 -4.47 -28.97
CA LEU B 48 -13.66 -5.02 -28.54
C LEU B 48 -13.03 -5.90 -29.60
N TYR B 49 -11.71 -5.78 -29.77
CA TYR B 49 -10.99 -6.57 -30.75
C TYR B 49 -9.73 -7.13 -30.14
N GLU B 50 -9.30 -8.28 -30.66
CA GLU B 50 -8.05 -8.91 -30.26
C GLU B 50 -7.08 -8.86 -31.46
N CYS B 51 -5.81 -8.59 -31.23
CA CYS B 51 -4.80 -8.58 -32.28
C CYS B 51 -4.10 -9.92 -32.31
N HIS B 52 -4.05 -10.51 -33.49
CA HIS B 52 -3.39 -11.79 -33.69
C HIS B 52 -2.30 -11.68 -34.78
N SER B 53 -1.54 -12.76 -35.03
CA SER B 53 -0.47 -12.74 -36.01
C SER B 53 -0.99 -12.48 -37.45
N GLN B 54 -0.07 -12.08 -38.35
CA GLN B 54 -0.39 -11.76 -39.73
C GLN B 54 -1.46 -10.70 -39.85
N GLY B 55 -1.39 -9.68 -38.98
CA GLY B 55 -2.30 -8.55 -39.00
C GLY B 55 -3.74 -8.82 -38.62
N GLU B 56 -4.08 -10.05 -38.24
CA GLU B 56 -5.46 -10.37 -37.90
C GLU B 56 -6.05 -9.49 -36.77
N ILE B 57 -7.21 -8.89 -37.03
CA ILE B 57 -7.94 -8.12 -36.04
C ILE B 57 -9.22 -8.93 -35.84
N ARG B 58 -9.35 -9.57 -34.68
CA ARG B 58 -10.46 -10.44 -34.39
C ARG B 58 -11.53 -9.75 -33.57
N LEU B 59 -12.76 -9.66 -34.11
CA LEU B 59 -13.88 -9.06 -33.40
C LEU B 59 -14.27 -9.95 -32.21
N LEU B 60 -14.26 -9.39 -30.99
CA LEU B 60 -14.65 -10.15 -29.80
C LEU B 60 -16.12 -9.91 -29.45
N GLN B 61 -16.48 -8.70 -29.02
CA GLN B 61 -17.83 -8.38 -28.58
C GLN B 61 -18.21 -6.95 -28.96
N SER B 62 -19.50 -6.68 -29.04
CA SER B 62 -20.02 -5.37 -29.33
C SER B 62 -21.02 -4.99 -28.24
N TYR B 63 -20.96 -3.75 -27.77
CA TYR B 63 -21.91 -3.24 -26.80
C TYR B 63 -22.69 -2.16 -27.54
N VAL B 64 -24.02 -2.26 -27.53
CA VAL B 64 -24.87 -1.24 -28.14
C VAL B 64 -25.66 -0.64 -27.00
N ASP B 65 -25.54 0.68 -26.77
CA ASP B 65 -26.25 1.33 -25.69
C ASP B 65 -27.77 1.27 -25.92
N ALA B 66 -28.56 1.12 -24.83
CA ALA B 66 -30.02 1.10 -24.90
C ALA B 66 -30.55 2.40 -25.55
N ASP B 67 -29.90 3.52 -25.22
CA ASP B 67 -30.22 4.83 -25.77
C ASP B 67 -29.68 4.94 -27.19
N ALA B 68 -30.57 4.99 -28.19
CA ALA B 68 -30.15 5.11 -29.59
C ALA B 68 -29.51 6.46 -29.94
N ASP B 69 -29.78 7.52 -29.15
CA ASP B 69 -29.23 8.84 -29.41
C ASP B 69 -27.93 9.15 -28.65
N GLU B 70 -27.36 8.17 -27.95
CA GLU B 70 -26.09 8.37 -27.25
C GLU B 70 -24.95 8.40 -28.29
N ASN B 71 -23.95 9.27 -28.11
CA ASN B 71 -22.77 9.31 -28.99
C ASN B 71 -21.56 9.25 -28.07
N PHE B 72 -20.92 8.06 -27.97
CA PHE B 72 -19.78 7.90 -27.12
C PHE B 72 -18.58 8.67 -27.70
N TYR B 73 -17.85 9.36 -26.83
CA TYR B 73 -16.69 10.12 -27.25
C TYR B 73 -15.39 9.59 -26.69
N THR B 74 -15.44 8.76 -25.63
CA THR B 74 -14.23 8.34 -24.93
C THR B 74 -14.43 7.04 -24.19
N CYS B 75 -13.33 6.32 -23.98
CA CYS B 75 -13.36 5.12 -23.14
C CYS B 75 -12.03 4.94 -22.44
N ALA B 76 -12.01 4.16 -21.36
CA ALA B 76 -10.78 3.96 -20.60
C ALA B 76 -10.88 2.61 -19.89
N TRP B 77 -9.77 1.91 -19.82
CA TRP B 77 -9.73 0.60 -19.16
C TRP B 77 -9.29 0.69 -17.70
N THR B 78 -9.79 -0.24 -16.90
CA THR B 78 -9.33 -0.40 -15.53
C THR B 78 -9.48 -1.91 -15.18
N TYR B 79 -9.33 -2.25 -13.90
CA TYR B 79 -9.52 -3.59 -13.41
C TYR B 79 -10.15 -3.48 -12.02
N ASP B 80 -10.85 -4.54 -11.62
CA ASP B 80 -11.47 -4.61 -10.30
C ASP B 80 -10.33 -4.96 -9.35
N SER B 81 -10.05 -4.10 -8.36
CA SER B 81 -8.93 -4.34 -7.44
C SER B 81 -9.08 -5.58 -6.55
N ASN B 82 -10.30 -6.13 -6.41
CA ASN B 82 -10.51 -7.32 -5.57
C ASN B 82 -10.47 -8.63 -6.32
N THR B 83 -10.94 -8.65 -7.57
CA THR B 83 -11.02 -9.88 -8.35
C THR B 83 -10.08 -9.94 -9.55
N SER B 84 -9.37 -8.83 -9.88
CA SER B 84 -8.48 -8.71 -11.03
C SER B 84 -9.21 -8.72 -12.40
N HIS B 85 -10.54 -8.66 -12.40
CA HIS B 85 -11.34 -8.71 -13.62
C HIS B 85 -11.18 -7.39 -14.40
N PRO B 86 -10.98 -7.42 -15.73
CA PRO B 86 -10.89 -6.15 -16.49
C PRO B 86 -12.23 -5.42 -16.50
N LEU B 87 -12.21 -4.08 -16.60
CA LEU B 87 -13.41 -3.26 -16.69
C LEU B 87 -13.17 -2.14 -17.72
N LEU B 88 -14.23 -1.66 -18.33
CA LEU B 88 -14.14 -0.61 -19.33
C LEU B 88 -15.16 0.49 -19.03
N ALA B 89 -14.70 1.74 -18.87
CA ALA B 89 -15.62 2.86 -18.67
C ALA B 89 -15.81 3.56 -20.01
N VAL B 90 -17.02 3.98 -20.32
CA VAL B 90 -17.34 4.67 -21.56
C VAL B 90 -18.29 5.85 -21.27
N ALA B 91 -18.23 6.94 -22.08
CA ALA B 91 -19.08 8.11 -21.86
C ALA B 91 -19.09 9.00 -23.13
N GLY B 92 -20.08 9.87 -23.25
CA GLY B 92 -20.19 10.76 -24.40
C GLY B 92 -21.22 11.85 -24.23
N SER B 93 -22.02 12.05 -25.28
CA SER B 93 -23.00 13.13 -25.35
C SER B 93 -24.05 13.15 -24.23
N ARG B 94 -24.48 12.00 -23.71
CA ARG B 94 -25.47 11.99 -22.63
C ARG B 94 -24.93 12.47 -21.29
N GLY B 95 -23.60 12.54 -21.15
CA GLY B 95 -22.97 12.94 -19.89
C GLY B 95 -23.12 11.89 -18.81
N ILE B 96 -23.21 10.61 -19.21
CA ILE B 96 -23.37 9.50 -18.28
C ILE B 96 -22.18 8.55 -18.44
N ILE B 97 -21.55 8.16 -17.32
CA ILE B 97 -20.43 7.23 -17.36
C ILE B 97 -21.00 5.83 -17.20
N ARG B 98 -20.64 4.91 -18.09
CA ARG B 98 -21.08 3.52 -17.97
C ARG B 98 -19.88 2.66 -17.69
N ILE B 99 -19.97 1.79 -16.71
CA ILE B 99 -18.91 0.84 -16.40
C ILE B 99 -19.40 -0.50 -16.96
N ILE B 100 -18.66 -1.07 -17.89
CA ILE B 100 -19.06 -2.30 -18.57
C ILE B 100 -18.10 -3.43 -18.27
N ASN B 101 -18.65 -4.63 -18.10
CA ASN B 101 -17.84 -5.85 -17.93
C ASN B 101 -17.49 -6.23 -19.37
N PRO B 102 -16.21 -6.14 -19.75
CA PRO B 102 -15.83 -6.44 -21.14
C PRO B 102 -15.96 -7.91 -21.56
N ILE B 103 -16.12 -8.82 -20.60
CA ILE B 103 -16.28 -10.22 -20.91
C ILE B 103 -17.72 -10.50 -21.38
N THR B 104 -18.72 -9.81 -20.79
CA THR B 104 -20.13 -10.04 -21.15
C THR B 104 -20.87 -8.89 -21.86
N MET B 105 -20.30 -7.69 -21.87
CA MET B 105 -20.91 -6.46 -22.36
C MET B 105 -22.08 -5.99 -21.51
N GLN B 106 -22.17 -6.45 -20.25
CA GLN B 106 -23.22 -5.94 -19.37
C GLN B 106 -22.74 -4.61 -18.84
N CYS B 107 -23.64 -3.64 -18.74
CA CYS B 107 -23.34 -2.39 -18.09
C CYS B 107 -23.61 -2.73 -16.63
N ILE B 108 -22.56 -2.71 -15.80
CA ILE B 108 -22.74 -3.09 -14.39
C ILE B 108 -23.07 -1.91 -13.50
N LYS B 109 -22.78 -0.68 -13.94
CA LYS B 109 -23.14 0.51 -13.18
C LYS B 109 -22.96 1.75 -13.99
N HIS B 110 -23.64 2.82 -13.58
CA HIS B 110 -23.49 4.10 -14.24
C HIS B 110 -23.39 5.26 -13.25
N TYR B 111 -22.80 6.37 -13.70
CA TYR B 111 -22.69 7.56 -12.87
C TYR B 111 -23.26 8.72 -13.63
N VAL B 112 -24.21 9.38 -13.01
CA VAL B 112 -24.84 10.56 -13.54
C VAL B 112 -24.36 11.74 -12.66
N GLY B 113 -24.48 12.96 -13.17
CA GLY B 113 -24.10 14.13 -12.41
C GLY B 113 -23.60 15.27 -13.26
N HIS B 114 -22.80 14.96 -14.32
CA HIS B 114 -22.32 16.02 -15.22
C HIS B 114 -23.53 16.66 -15.91
N GLY B 115 -23.55 17.97 -16.00
CA GLY B 115 -24.67 18.68 -16.63
C GLY B 115 -24.63 18.68 -18.14
N ASN B 116 -23.59 18.07 -18.74
CA ASN B 116 -23.43 18.04 -20.19
C ASN B 116 -22.50 16.88 -20.59
N ALA B 117 -22.20 16.75 -21.90
CA ALA B 117 -21.39 15.68 -22.44
C ALA B 117 -20.04 15.51 -21.75
N ILE B 118 -19.52 14.27 -21.79
CA ILE B 118 -18.20 13.94 -21.27
C ILE B 118 -17.25 13.75 -22.44
N ASN B 119 -16.15 14.53 -22.45
CA ASN B 119 -15.14 14.53 -23.51
C ASN B 119 -14.01 13.57 -23.29
N GLU B 120 -13.71 13.23 -22.03
CA GLU B 120 -12.60 12.30 -21.78
C GLU B 120 -12.77 11.61 -20.43
N LEU B 121 -12.32 10.36 -20.38
CA LEU B 121 -12.28 9.57 -19.15
C LEU B 121 -10.82 9.12 -18.96
N LYS B 122 -10.32 9.18 -17.71
CA LYS B 122 -8.96 8.72 -17.43
C LYS B 122 -8.96 8.04 -16.08
N PHE B 123 -8.36 6.85 -16.00
CA PHE B 123 -8.20 6.20 -14.70
C PHE B 123 -6.85 6.60 -14.11
N HIS B 124 -6.79 6.73 -12.77
CA HIS B 124 -5.56 7.03 -12.02
C HIS B 124 -4.53 5.90 -12.29
N PRO B 125 -3.24 6.26 -12.48
CA PRO B 125 -2.24 5.23 -12.83
C PRO B 125 -1.85 4.26 -11.71
N ARG B 126 -2.21 4.56 -10.44
CA ARG B 126 -1.87 3.68 -9.31
C ARG B 126 -3.12 3.10 -8.67
N ASP B 127 -4.21 3.86 -8.60
CA ASP B 127 -5.44 3.39 -7.99
C ASP B 127 -6.48 3.16 -9.09
N PRO B 128 -6.83 1.89 -9.35
CA PRO B 128 -7.77 1.58 -10.45
C PRO B 128 -9.22 2.00 -10.20
N ASN B 129 -9.55 2.42 -8.98
CA ASN B 129 -10.91 2.85 -8.67
C ASN B 129 -11.12 4.33 -8.91
N LEU B 130 -10.07 5.13 -9.11
CA LEU B 130 -10.21 6.57 -9.28
C LEU B 130 -10.37 6.95 -10.73
N LEU B 131 -11.56 7.37 -11.11
CA LEU B 131 -11.90 7.71 -12.48
C LEU B 131 -12.11 9.21 -12.60
N LEU B 132 -11.42 9.85 -13.55
CA LEU B 132 -11.55 11.28 -13.80
C LEU B 132 -12.38 11.46 -15.07
N SER B 133 -13.39 12.30 -15.03
CA SER B 133 -14.20 12.60 -16.23
C SER B 133 -14.10 14.11 -16.48
N VAL B 134 -14.05 14.51 -17.74
CA VAL B 134 -13.93 15.93 -18.10
C VAL B 134 -15.13 16.25 -18.98
N SER B 135 -15.76 17.40 -18.75
CA SER B 135 -17.03 17.66 -19.38
C SER B 135 -17.25 19.05 -20.02
N LYS B 136 -18.23 19.08 -20.92
CA LYS B 136 -18.74 20.30 -21.54
C LYS B 136 -19.41 21.21 -20.49
N ASP B 137 -19.69 20.72 -19.25
CA ASP B 137 -20.25 21.55 -18.18
C ASP B 137 -19.22 22.45 -17.50
N HIS B 138 -17.96 22.51 -18.03
CA HIS B 138 -16.85 23.34 -17.53
C HIS B 138 -16.10 22.73 -16.35
N ALA B 139 -16.44 21.51 -15.95
CA ALA B 139 -15.83 20.89 -14.78
C ALA B 139 -15.20 19.53 -15.08
N LEU B 140 -14.30 19.11 -14.19
CA LEU B 140 -13.74 17.77 -14.13
C LEU B 140 -14.34 17.15 -12.86
N ARG B 141 -14.54 15.83 -12.86
CA ARG B 141 -15.03 15.16 -11.66
C ARG B 141 -14.17 13.95 -11.40
N LEU B 142 -13.87 13.70 -10.12
CA LEU B 142 -13.08 12.54 -9.72
C LEU B 142 -14.04 11.61 -8.98
N TRP B 143 -14.16 10.36 -9.46
CA TRP B 143 -15.06 9.36 -8.90
C TRP B 143 -14.29 8.20 -8.27
N ASN B 144 -14.86 7.58 -7.22
CA ASN B 144 -14.28 6.38 -6.63
C ASN B 144 -15.31 5.32 -7.02
N ILE B 145 -14.97 4.48 -8.01
CA ILE B 145 -15.89 3.46 -8.52
C ILE B 145 -15.97 2.20 -7.62
N GLN B 146 -15.18 2.12 -6.54
CA GLN B 146 -15.32 1.01 -5.60
C GLN B 146 -16.50 1.34 -4.66
N THR B 147 -16.56 2.58 -4.15
CA THR B 147 -17.63 2.97 -3.24
C THR B 147 -18.76 3.76 -3.90
N ASP B 148 -18.67 4.02 -5.24
CA ASP B 148 -19.68 4.74 -6.02
C ASP B 148 -19.89 6.16 -5.50
N THR B 149 -18.79 6.84 -5.19
CA THR B 149 -18.86 8.19 -4.67
C THR B 149 -18.19 9.19 -5.60
N LEU B 150 -18.68 10.40 -5.56
CA LEU B 150 -18.09 11.51 -6.28
C LEU B 150 -17.14 12.17 -5.26
N VAL B 151 -15.83 11.96 -5.45
CA VAL B 151 -14.81 12.48 -4.54
C VAL B 151 -14.68 14.00 -4.60
N ALA B 152 -14.59 14.56 -5.82
CA ALA B 152 -14.35 15.98 -5.99
C ALA B 152 -14.84 16.46 -7.35
N ILE B 153 -15.20 17.73 -7.40
CA ILE B 153 -15.58 18.46 -8.60
C ILE B 153 -14.57 19.59 -8.71
N PHE B 154 -13.79 19.63 -9.80
CA PHE B 154 -12.78 20.64 -10.10
C PHE B 154 -13.41 21.64 -11.05
N GLY B 155 -13.84 22.75 -10.50
CA GLY B 155 -14.53 23.77 -11.27
C GLY B 155 -15.10 24.84 -10.35
N GLY B 156 -15.58 25.93 -10.95
CA GLY B 156 -16.11 27.03 -10.16
C GLY B 156 -15.39 28.33 -10.38
N VAL B 157 -15.14 29.09 -9.30
CA VAL B 157 -14.56 30.45 -9.36
C VAL B 157 -13.37 30.58 -10.31
N GLU B 158 -12.35 29.74 -10.16
CA GLU B 158 -11.19 29.77 -11.06
C GLU B 158 -11.05 28.47 -11.89
N GLY B 159 -12.15 27.75 -12.07
CA GLY B 159 -12.19 26.59 -12.93
C GLY B 159 -12.31 27.04 -14.37
N HIS B 160 -12.44 26.07 -15.28
CA HIS B 160 -12.59 26.37 -16.69
C HIS B 160 -13.83 27.25 -16.96
N ARG B 161 -13.73 28.18 -17.90
CA ARG B 161 -14.86 29.06 -18.25
C ARG B 161 -15.64 28.60 -19.49
N ASP B 162 -15.33 27.43 -20.01
CA ASP B 162 -15.97 26.85 -21.18
C ASP B 162 -15.71 25.32 -21.12
N GLU B 163 -16.20 24.59 -22.11
CA GLU B 163 -16.09 23.15 -22.18
C GLU B 163 -14.68 22.61 -22.00
N VAL B 164 -14.52 21.61 -21.12
CA VAL B 164 -13.24 20.96 -20.85
C VAL B 164 -13.12 19.84 -21.88
N LEU B 165 -12.02 19.82 -22.62
CA LEU B 165 -11.81 18.88 -23.73
C LEU B 165 -10.93 17.69 -23.40
N SER B 166 -9.95 17.89 -22.52
CA SER B 166 -9.00 16.84 -22.22
C SER B 166 -8.36 17.01 -20.83
N ALA B 167 -7.83 15.92 -20.30
CA ALA B 167 -7.10 15.94 -19.04
C ALA B 167 -6.17 14.73 -18.94
N ASP B 168 -5.15 14.82 -18.08
CA ASP B 168 -4.21 13.73 -17.93
C ASP B 168 -3.62 13.74 -16.54
N TYR B 169 -3.47 12.56 -15.96
CA TYR B 169 -2.77 12.44 -14.69
C TYR B 169 -1.27 12.37 -15.05
N ASP B 170 -0.39 12.82 -14.15
CA ASP B 170 1.04 12.65 -14.35
C ASP B 170 1.40 11.13 -14.08
N LEU B 171 2.65 10.70 -14.31
CA LEU B 171 3.01 9.27 -14.16
C LEU B 171 2.66 8.65 -12.80
N LEU B 172 2.94 9.35 -11.71
CA LEU B 172 2.67 8.80 -10.38
C LEU B 172 1.25 9.11 -9.84
N GLY B 173 0.44 9.87 -10.58
CA GLY B 173 -0.93 10.17 -10.16
C GLY B 173 -1.00 11.13 -8.99
N GLU B 174 -0.10 12.10 -8.99
CA GLU B 174 -0.07 13.15 -7.95
C GLU B 174 -0.82 14.42 -8.39
N LYS B 175 -1.02 14.58 -9.71
CA LYS B 175 -1.63 15.81 -10.23
C LYS B 175 -2.24 15.60 -11.61
N ILE B 176 -3.13 16.51 -11.99
CA ILE B 176 -3.84 16.48 -13.25
C ILE B 176 -3.64 17.78 -14.00
N MET B 177 -3.44 17.71 -15.33
CA MET B 177 -3.48 18.93 -16.13
C MET B 177 -4.76 18.80 -16.96
N SER B 178 -5.58 19.83 -17.04
CA SER B 178 -6.78 19.82 -17.87
C SER B 178 -6.72 20.99 -18.89
N CYS B 179 -7.49 20.91 -19.96
CA CYS B 179 -7.51 21.98 -20.97
C CYS B 179 -8.86 22.04 -21.67
N GLY B 180 -9.19 23.21 -22.24
CA GLY B 180 -10.47 23.31 -22.95
C GLY B 180 -10.67 24.47 -23.88
N MET B 181 -11.94 24.67 -24.21
CA MET B 181 -12.41 25.71 -25.12
C MET B 181 -12.09 27.13 -24.67
N ASP B 182 -11.78 27.32 -23.37
CA ASP B 182 -11.42 28.65 -22.87
C ASP B 182 -9.95 28.99 -23.11
N HIS B 183 -9.21 28.15 -23.89
CA HIS B 183 -7.80 28.30 -24.26
C HIS B 183 -6.85 28.03 -23.10
N SER B 184 -7.37 27.62 -21.92
CA SER B 184 -6.50 27.51 -20.77
C SER B 184 -6.10 26.10 -20.44
N LEU B 185 -4.94 26.00 -19.80
CA LEU B 185 -4.41 24.76 -19.26
C LEU B 185 -4.33 24.96 -17.75
N LYS B 186 -4.99 24.07 -16.97
CA LYS B 186 -5.04 24.19 -15.52
C LYS B 186 -4.48 22.96 -14.80
N LEU B 187 -3.69 23.20 -13.75
CA LEU B 187 -3.11 22.13 -12.96
C LEU B 187 -3.96 21.93 -11.70
N TRP B 188 -4.25 20.68 -11.35
CA TRP B 188 -5.03 20.36 -10.15
C TRP B 188 -4.27 19.31 -9.37
N ARG B 189 -3.65 19.71 -8.26
CA ARG B 189 -2.89 18.73 -7.47
C ARG B 189 -3.84 17.82 -6.69
N ILE B 190 -3.62 16.51 -6.76
CA ILE B 190 -4.40 15.57 -5.94
C ILE B 190 -3.56 14.91 -4.82
N ASN B 191 -2.28 15.32 -4.67
CA ASN B 191 -1.48 14.90 -3.55
C ASN B 191 -1.50 16.00 -2.43
N SER B 192 -2.44 16.98 -2.50
CA SER B 192 -2.58 17.97 -1.44
C SER B 192 -3.14 17.22 -0.24
N LYS B 193 -2.92 17.75 0.97
CA LYS B 193 -3.47 17.11 2.17
C LYS B 193 -5.02 17.04 2.07
N ARG B 194 -5.63 18.07 1.51
CA ARG B 194 -7.09 18.13 1.34
C ARG B 194 -7.60 17.00 0.44
N MET B 195 -6.99 16.84 -0.75
CA MET B 195 -7.41 15.80 -1.71
C MET B 195 -7.07 14.39 -1.27
N MET B 196 -5.91 14.17 -0.62
CA MET B 196 -5.56 12.82 -0.12
C MET B 196 -6.58 12.43 0.96
N ASN B 197 -7.00 13.39 1.81
CA ASN B 197 -7.98 13.09 2.86
C ASN B 197 -9.36 12.82 2.23
N ALA B 198 -9.75 13.58 1.21
CA ALA B 198 -11.03 13.38 0.50
C ALA B 198 -11.06 11.99 -0.14
N ILE B 199 -9.95 11.55 -0.72
CA ILE B 199 -9.86 10.23 -1.32
C ILE B 199 -10.01 9.17 -0.24
N LYS B 200 -9.33 9.35 0.91
CA LYS B 200 -9.43 8.39 2.00
C LYS B 200 -10.87 8.32 2.52
N GLU B 201 -11.54 9.48 2.69
CA GLU B 201 -12.93 9.53 3.15
C GLU B 201 -13.87 8.83 2.16
N SER B 202 -13.60 8.94 0.85
CA SER B 202 -14.44 8.23 -0.14
C SER B 202 -14.32 6.72 0.03
N TYR B 203 -13.19 6.21 0.53
CA TYR B 203 -13.05 4.76 0.80
C TYR B 203 -13.76 4.36 2.09
N ASP B 204 -13.78 5.25 3.10
CA ASP B 204 -14.46 4.97 4.36
C ASP B 204 -15.99 5.01 4.23
N TYR B 205 -16.53 5.67 3.19
CA TYR B 205 -17.96 5.81 3.02
C TYR B 205 -18.65 4.46 2.92
N ASN B 206 -19.58 4.20 3.83
CA ASN B 206 -20.31 2.95 3.85
C ASN B 206 -21.79 3.27 4.02
N PRO B 207 -22.61 3.06 2.98
CA PRO B 207 -24.04 3.34 3.09
C PRO B 207 -24.75 2.45 4.12
N ASN B 208 -24.22 1.23 4.35
CA ASN B 208 -24.76 0.32 5.36
C ASN B 208 -24.50 0.84 6.79
N LYS B 209 -23.52 1.73 6.98
CA LYS B 209 -23.23 2.28 8.30
C LYS B 209 -23.73 3.73 8.49
N THR B 210 -24.25 4.37 7.43
CA THR B 210 -24.75 5.74 7.51
C THR B 210 -25.89 6.01 6.52
N ASN B 211 -26.78 6.94 6.87
CA ASN B 211 -27.88 7.34 5.98
C ASN B 211 -27.58 8.65 5.22
N ARG B 212 -26.61 9.43 5.71
CA ARG B 212 -26.18 10.70 5.12
C ARG B 212 -25.46 10.45 3.79
N PRO B 213 -25.64 11.35 2.82
CA PRO B 213 -24.91 11.18 1.55
C PRO B 213 -23.44 11.59 1.69
N PHE B 214 -22.57 11.09 0.78
CA PHE B 214 -21.16 11.45 0.80
C PHE B 214 -21.03 12.87 0.30
N ILE B 215 -20.20 13.70 0.95
CA ILE B 215 -20.02 15.08 0.53
C ILE B 215 -18.79 15.23 -0.34
N SER B 216 -18.98 15.67 -1.58
CA SER B 216 -17.87 15.86 -2.51
C SER B 216 -17.09 17.15 -2.22
N GLN B 217 -15.78 17.14 -2.47
CA GLN B 217 -15.00 18.38 -2.38
C GLN B 217 -15.35 19.21 -3.59
N LYS B 218 -15.42 20.51 -3.41
CA LYS B 218 -15.65 21.43 -4.51
C LYS B 218 -14.35 22.22 -4.61
N ILE B 219 -13.48 21.84 -5.53
CA ILE B 219 -12.20 22.49 -5.73
C ILE B 219 -12.38 23.67 -6.72
N HIS B 220 -12.50 24.90 -6.20
CA HIS B 220 -12.72 26.06 -7.09
C HIS B 220 -11.46 26.64 -7.69
N PHE B 221 -10.28 26.31 -7.12
CA PHE B 221 -9.05 26.94 -7.52
C PHE B 221 -7.98 25.94 -7.94
N PRO B 222 -7.47 26.09 -9.15
CA PRO B 222 -6.37 25.22 -9.58
C PRO B 222 -5.03 25.70 -8.97
N ASP B 223 -4.04 24.82 -9.01
CA ASP B 223 -2.69 25.05 -8.54
C ASP B 223 -1.79 25.76 -9.55
N PHE B 224 -2.29 26.01 -10.75
CA PHE B 224 -1.62 26.74 -11.83
C PHE B 224 -2.64 26.91 -12.96
N SER B 225 -2.54 28.01 -13.68
CA SER B 225 -3.40 28.24 -14.83
C SER B 225 -2.69 29.12 -15.83
N THR B 226 -2.81 28.80 -17.13
CA THR B 226 -2.24 29.65 -18.18
C THR B 226 -3.14 29.66 -19.39
N ARG B 227 -3.21 30.80 -20.08
CA ARG B 227 -3.84 30.93 -21.39
C ARG B 227 -2.76 31.46 -22.39
N ASP B 228 -1.44 31.33 -22.06
CA ASP B 228 -0.34 31.86 -22.84
C ASP B 228 0.38 30.85 -23.71
N ILE B 229 -0.16 29.63 -23.87
CA ILE B 229 0.48 28.62 -24.70
C ILE B 229 -0.12 28.62 -26.11
N HIS B 230 -1.44 28.61 -26.20
CA HIS B 230 -2.17 28.55 -27.46
C HIS B 230 -3.09 29.76 -27.60
N ARG B 231 -3.48 30.08 -28.83
CA ARG B 231 -4.36 31.20 -29.10
C ARG B 231 -5.81 30.78 -29.40
N ASN B 232 -6.16 29.51 -29.16
CA ASN B 232 -7.50 29.03 -29.42
C ASN B 232 -7.79 27.83 -28.50
N TYR B 233 -8.83 27.02 -28.78
N TYR B 233 -8.87 27.03 -28.77
CA TYR B 233 -9.18 25.82 -28.01
CA TYR B 233 -9.27 25.87 -27.98
C TYR B 233 -7.95 24.96 -27.77
C TYR B 233 -8.07 24.89 -27.83
N VAL B 234 -7.92 24.25 -26.66
CA VAL B 234 -6.83 23.30 -26.40
C VAL B 234 -7.60 22.00 -26.25
N ASP B 235 -7.47 21.11 -27.24
CA ASP B 235 -8.28 19.90 -27.23
C ASP B 235 -7.54 18.62 -26.80
N CYS B 236 -6.25 18.71 -26.45
CA CYS B 236 -5.53 17.52 -26.00
C CYS B 236 -4.36 17.94 -25.16
N VAL B 237 -4.17 17.28 -24.01
CA VAL B 237 -3.07 17.56 -23.13
C VAL B 237 -2.57 16.25 -22.49
N ARG B 238 -1.25 16.07 -22.44
CA ARG B 238 -0.65 14.93 -21.77
C ARG B 238 0.61 15.39 -21.07
N TRP B 239 0.92 14.76 -19.93
CA TRP B 239 2.18 14.99 -19.26
C TRP B 239 3.31 14.26 -20.00
N LEU B 240 4.49 14.87 -20.07
CA LEU B 240 5.71 14.23 -20.59
C LEU B 240 6.72 14.45 -19.44
N GLY B 241 6.67 13.57 -18.43
CA GLY B 241 7.48 13.70 -17.22
C GLY B 241 6.95 14.87 -16.43
N ASP B 242 7.79 15.88 -16.19
CA ASP B 242 7.36 17.14 -15.55
C ASP B 242 6.95 18.20 -16.58
N LEU B 243 7.14 17.93 -17.87
CA LEU B 243 6.79 18.87 -18.92
C LEU B 243 5.37 18.52 -19.42
N ILE B 244 4.78 19.39 -20.22
CA ILE B 244 3.44 19.19 -20.75
C ILE B 244 3.46 19.23 -22.25
N LEU B 245 2.64 18.39 -22.87
CA LEU B 245 2.40 18.42 -24.31
C LEU B 245 0.94 18.84 -24.49
N SER B 246 0.69 19.81 -25.36
CA SER B 246 -0.69 20.22 -25.63
C SER B 246 -0.85 20.76 -27.04
N LYS B 247 -2.07 20.64 -27.59
CA LYS B 247 -2.31 21.11 -28.94
C LYS B 247 -3.57 21.92 -29.05
N SER B 248 -3.57 22.80 -30.03
CA SER B 248 -4.68 23.65 -30.39
C SER B 248 -4.88 23.45 -31.93
N CYS B 249 -5.17 24.51 -32.68
CA CYS B 249 -5.36 24.40 -34.13
C CYS B 249 -4.14 24.90 -34.92
N GLU B 250 -3.01 25.19 -34.28
CA GLU B 250 -1.85 25.76 -34.95
C GLU B 250 -0.98 24.75 -35.72
N ASN B 251 -1.47 23.51 -35.91
CA ASN B 251 -0.72 22.42 -36.54
C ASN B 251 0.58 22.12 -35.82
N ALA B 252 0.55 22.22 -34.50
CA ALA B 252 1.72 21.94 -33.68
C ALA B 252 1.30 21.47 -32.30
N ILE B 253 2.04 20.50 -31.78
CA ILE B 253 1.90 20.08 -30.39
C ILE B 253 3.03 20.87 -29.67
N VAL B 254 2.68 21.61 -28.64
CA VAL B 254 3.64 22.41 -27.91
C VAL B 254 4.13 21.72 -26.66
N CYS B 255 5.46 21.69 -26.47
CA CYS B 255 6.04 21.16 -25.25
C CYS B 255 6.38 22.36 -24.40
N TRP B 256 5.84 22.43 -23.20
CA TRP B 256 6.03 23.57 -22.33
C TRP B 256 6.03 23.16 -20.84
N LYS B 257 6.32 24.12 -19.97
CA LYS B 257 6.28 23.87 -18.54
C LYS B 257 5.84 25.13 -17.81
N PRO B 258 5.13 24.96 -16.69
CA PRO B 258 4.78 26.13 -15.88
C PRO B 258 6.06 26.78 -15.30
N GLY B 259 5.99 28.08 -15.09
CA GLY B 259 7.10 28.86 -14.53
C GLY B 259 8.23 29.09 -15.49
N LYS B 260 9.36 29.59 -14.97
CA LYS B 260 10.56 29.79 -15.75
C LYS B 260 11.30 28.44 -15.97
N MET B 261 12.28 28.43 -16.87
CA MET B 261 13.01 27.23 -17.27
C MET B 261 13.44 26.30 -16.13
N GLU B 262 13.99 26.86 -15.07
CA GLU B 262 14.52 26.08 -13.96
C GLU B 262 13.52 25.81 -12.83
N ASP B 263 12.28 26.30 -12.95
CA ASP B 263 11.30 26.12 -11.88
C ASP B 263 10.83 24.68 -11.73
N ASP B 264 10.91 24.15 -10.50
CA ASP B 264 10.49 22.80 -10.16
C ASP B 264 8.96 22.77 -10.22
N ILE B 265 8.37 21.76 -10.90
CA ILE B 265 6.92 21.63 -10.99
C ILE B 265 6.25 21.57 -9.60
N ASP B 266 6.93 20.99 -8.60
CA ASP B 266 6.35 20.88 -7.27
C ASP B 266 6.57 22.12 -6.37
N LYS B 267 7.24 23.14 -6.89
CA LYS B 267 7.46 24.40 -6.17
C LYS B 267 6.76 25.59 -6.86
N ILE B 268 6.06 25.34 -7.96
CA ILE B 268 5.25 26.32 -8.67
C ILE B 268 4.16 26.85 -7.71
N LYS B 269 4.05 28.18 -7.54
CA LYS B 269 3.00 28.75 -6.70
C LYS B 269 1.70 28.90 -7.53
N PRO B 270 0.49 28.80 -6.93
CA PRO B 270 -0.75 28.90 -7.74
C PRO B 270 -0.90 30.20 -8.54
N SER B 271 -0.25 31.29 -8.11
CA SER B 271 -0.32 32.56 -8.83
C SER B 271 0.79 32.71 -9.88
N GLU B 272 1.62 31.67 -10.12
CA GLU B 272 2.70 31.72 -11.11
C GLU B 272 2.20 32.20 -12.48
N SER B 273 2.72 33.34 -12.94
CA SER B 273 2.29 33.94 -14.18
C SER B 273 3.15 33.56 -15.39
N ASN B 274 4.31 32.93 -15.18
CA ASN B 274 5.19 32.58 -16.29
C ASN B 274 5.00 31.16 -16.80
N VAL B 275 5.38 30.93 -18.08
CA VAL B 275 5.44 29.64 -18.75
C VAL B 275 6.73 29.62 -19.58
N THR B 276 7.25 28.43 -19.85
CA THR B 276 8.43 28.29 -20.68
C THR B 276 8.12 27.30 -21.79
N ILE B 277 8.28 27.72 -23.05
CA ILE B 277 8.07 26.81 -24.18
C ILE B 277 9.43 26.16 -24.46
N LEU B 278 9.45 24.85 -24.57
CA LEU B 278 10.67 24.11 -24.80
C LEU B 278 10.82 23.65 -26.25
N GLY B 279 9.70 23.47 -26.96
CA GLY B 279 9.74 23.03 -28.35
C GLY B 279 8.37 22.80 -28.93
N ARG B 280 8.34 22.49 -30.23
CA ARG B 280 7.11 22.23 -30.96
C ARG B 280 7.28 21.05 -31.88
N PHE B 281 6.25 20.22 -31.99
CA PHE B 281 6.21 19.09 -32.90
C PHE B 281 5.24 19.52 -33.99
N ASP B 282 5.78 19.85 -35.17
CA ASP B 282 4.98 20.35 -36.30
C ASP B 282 4.42 19.23 -37.17
N TYR B 283 3.23 19.49 -37.72
CA TYR B 283 2.55 18.57 -38.64
C TYR B 283 1.64 19.39 -39.57
N SER B 284 0.81 18.74 -40.39
CA SER B 284 -0.05 19.46 -41.32
C SER B 284 -1.47 18.94 -41.28
N GLN B 285 -2.41 19.74 -41.79
CA GLN B 285 -3.81 19.38 -42.00
C GLN B 285 -4.48 18.78 -40.76
N CYS B 286 -4.38 19.46 -39.60
CA CYS B 286 -5.01 19.00 -38.37
C CYS B 286 -5.36 20.23 -37.55
N ASP B 287 -6.06 21.18 -38.19
CA ASP B 287 -6.41 22.42 -37.54
C ASP B 287 -7.87 22.52 -37.08
N ILE B 288 -8.59 21.40 -37.02
CA ILE B 288 -9.98 21.32 -36.56
C ILE B 288 -9.98 20.61 -35.20
N TRP B 289 -10.84 21.05 -34.27
N TRP B 289 -10.95 20.90 -34.38
CA TRP B 289 -10.87 20.46 -32.93
CA TRP B 289 -11.14 20.38 -33.04
C TRP B 289 -11.42 19.02 -32.93
C TRP B 289 -11.47 18.92 -32.98
N TYR B 290 -11.12 18.29 -31.85
CA TYR B 290 -11.42 16.89 -31.59
C TYR B 290 -10.47 15.95 -32.36
N MET B 291 -9.16 16.14 -32.17
CA MET B 291 -8.13 15.27 -32.75
C MET B 291 -7.15 15.01 -31.62
N ARG B 292 -7.03 13.74 -31.15
CA ARG B 292 -6.12 13.46 -30.03
C ARG B 292 -4.77 12.97 -30.44
N PHE B 293 -3.75 13.30 -29.64
CA PHE B 293 -2.43 12.69 -29.80
C PHE B 293 -2.26 11.69 -28.63
N SER B 294 -1.36 10.75 -28.81
CA SER B 294 -1.14 9.69 -27.83
C SER B 294 0.33 9.36 -27.73
N MET B 295 0.70 8.68 -26.65
CA MET B 295 2.05 8.18 -26.49
C MET B 295 2.02 6.70 -26.10
N ASP B 296 3.14 6.03 -26.30
CA ASP B 296 3.27 4.65 -25.87
C ASP B 296 3.53 4.64 -24.35
N PHE B 297 3.52 3.44 -23.73
CA PHE B 297 3.68 3.33 -22.29
C PHE B 297 4.99 3.95 -21.78
N TRP B 298 6.10 3.64 -22.44
CA TRP B 298 7.40 4.17 -22.03
C TRP B 298 7.65 5.62 -22.41
N GLN B 299 6.69 6.27 -23.13
CA GLN B 299 6.79 7.65 -23.58
C GLN B 299 8.04 7.86 -24.43
N LYS B 300 8.29 6.91 -25.32
CA LYS B 300 9.37 6.97 -26.28
C LYS B 300 8.81 7.38 -27.67
N MET B 301 7.48 7.26 -27.89
CA MET B 301 6.86 7.63 -29.15
C MET B 301 5.62 8.46 -28.93
N LEU B 302 5.42 9.40 -29.81
CA LEU B 302 4.28 10.32 -29.80
C LEU B 302 3.59 10.15 -31.15
N ALA B 303 2.27 10.01 -31.17
CA ALA B 303 1.53 9.80 -32.42
C ALA B 303 0.33 10.72 -32.54
N LEU B 304 0.03 11.17 -33.76
CA LEU B 304 -1.13 12.02 -34.00
C LEU B 304 -1.61 11.82 -35.43
N GLY B 305 -2.91 11.60 -35.59
CA GLY B 305 -3.51 11.49 -36.92
C GLY B 305 -3.97 12.86 -37.40
N ASN B 306 -4.13 13.01 -38.72
CA ASN B 306 -4.59 14.28 -39.28
C ASN B 306 -5.90 14.11 -40.04
N GLN B 307 -6.47 15.21 -40.58
CA GLN B 307 -7.76 15.21 -41.25
C GLN B 307 -7.83 14.43 -42.55
N VAL B 308 -6.68 14.11 -43.16
CA VAL B 308 -6.68 13.39 -44.44
C VAL B 308 -6.12 11.97 -44.34
N GLY B 309 -6.11 11.40 -43.14
CA GLY B 309 -5.66 10.03 -42.92
C GLY B 309 -4.18 9.78 -42.77
N LYS B 310 -3.37 10.84 -42.56
CA LYS B 310 -1.94 10.67 -42.33
C LYS B 310 -1.72 10.46 -40.84
N LEU B 311 -0.77 9.59 -40.48
CA LEU B 311 -0.47 9.30 -39.08
C LEU B 311 0.98 9.70 -38.80
N TYR B 312 1.18 10.76 -38.04
CA TYR B 312 2.50 11.24 -37.69
C TYR B 312 3.03 10.54 -36.45
N VAL B 313 4.31 10.22 -36.43
CA VAL B 313 4.94 9.60 -35.29
C VAL B 313 6.28 10.30 -35.03
N TRP B 314 6.59 10.60 -33.77
CA TRP B 314 7.86 11.21 -33.40
C TRP B 314 8.56 10.34 -32.34
N ASP B 315 9.89 10.34 -32.36
CA ASP B 315 10.69 9.63 -31.38
C ASP B 315 11.03 10.63 -30.29
N LEU B 316 10.42 10.46 -29.11
CA LEU B 316 10.62 11.35 -27.97
C LEU B 316 12.01 11.25 -27.33
N GLU B 317 12.83 10.27 -27.75
CA GLU B 317 14.21 10.19 -27.26
C GLU B 317 15.19 11.03 -28.11
N VAL B 318 14.70 11.75 -29.14
CA VAL B 318 15.48 12.66 -29.95
C VAL B 318 15.10 14.05 -29.44
N GLU B 319 16.07 14.78 -28.86
CA GLU B 319 15.83 16.08 -28.24
C GLU B 319 15.20 17.15 -29.16
N ASP B 320 15.76 17.37 -30.35
CA ASP B 320 15.22 18.35 -31.28
C ASP B 320 13.95 17.78 -31.95
N PRO B 321 12.78 18.42 -31.73
CA PRO B 321 11.53 17.90 -32.32
C PRO B 321 11.51 17.83 -33.85
N HIS B 322 12.43 18.51 -34.54
CA HIS B 322 12.50 18.43 -36.01
C HIS B 322 13.21 17.13 -36.40
N LYS B 323 14.31 16.80 -35.72
CA LYS B 323 14.99 15.53 -35.97
C LYS B 323 14.22 14.30 -35.41
N ALA B 324 13.27 14.54 -34.51
CA ALA B 324 12.45 13.50 -33.89
C ALA B 324 11.42 12.88 -34.83
N LYS B 325 11.06 13.57 -35.93
CA LYS B 325 10.04 13.06 -36.84
C LYS B 325 10.38 11.74 -37.47
N CYS B 326 9.45 10.78 -37.42
CA CYS B 326 9.59 9.49 -38.10
C CYS B 326 8.96 9.64 -39.47
N THR B 327 9.09 8.61 -40.32
CA THR B 327 8.41 8.58 -41.60
C THR B 327 6.89 8.56 -41.29
N THR B 328 6.14 9.49 -41.88
CA THR B 328 4.70 9.60 -41.69
C THR B 328 4.04 8.34 -42.24
N LEU B 329 3.10 7.80 -41.49
CA LEU B 329 2.42 6.57 -41.90
C LEU B 329 1.23 6.90 -42.78
N THR B 330 1.26 6.44 -44.03
CA THR B 330 0.18 6.71 -44.97
C THR B 330 -0.21 5.45 -45.73
N HIS B 331 -1.48 5.37 -46.08
CA HIS B 331 -2.02 4.31 -46.90
C HIS B 331 -2.95 5.04 -47.85
N HIS B 332 -2.83 4.77 -49.14
CA HIS B 332 -3.67 5.45 -50.14
C HIS B 332 -5.18 5.26 -49.89
N LYS B 333 -5.59 4.17 -49.21
CA LYS B 333 -7.01 3.96 -48.89
C LYS B 333 -7.45 4.57 -47.53
N CYS B 334 -6.52 5.12 -46.77
CA CYS B 334 -6.84 5.74 -45.50
C CYS B 334 -6.84 7.24 -45.73
N GLY B 335 -8.03 7.80 -45.99
CA GLY B 335 -8.16 9.22 -46.31
C GLY B 335 -9.08 10.01 -45.41
N ALA B 336 -9.72 9.35 -44.43
CA ALA B 336 -10.61 10.04 -43.49
C ALA B 336 -9.84 10.54 -42.25
N ALA B 337 -10.41 11.52 -41.50
CA ALA B 337 -9.77 12.04 -40.29
C ALA B 337 -9.49 10.94 -39.27
N ILE B 338 -8.24 10.87 -38.75
CA ILE B 338 -7.86 9.91 -37.70
C ILE B 338 -8.08 10.62 -36.36
N ARG B 339 -9.16 10.26 -35.64
CA ARG B 339 -9.56 10.96 -34.41
C ARG B 339 -8.65 10.62 -33.23
N GLN B 340 -8.22 9.36 -33.16
N GLN B 340 -8.23 9.36 -33.16
CA GLN B 340 -7.35 8.93 -32.08
CA GLN B 340 -7.39 8.90 -32.06
C GLN B 340 -6.56 7.69 -32.49
C GLN B 340 -6.58 7.67 -32.48
N THR B 341 -5.43 7.48 -31.83
CA THR B 341 -4.57 6.33 -32.06
C THR B 341 -4.28 5.70 -30.69
N SER B 342 -3.80 4.45 -30.69
CA SER B 342 -3.41 3.80 -29.45
C SER B 342 -2.31 2.81 -29.74
N PHE B 343 -1.24 2.86 -28.95
CA PHE B 343 -0.18 1.87 -29.02
C PHE B 343 -0.53 0.73 -28.05
N SER B 344 -0.14 -0.52 -28.41
CA SER B 344 -0.24 -1.63 -27.47
C SER B 344 0.81 -1.36 -26.37
N ARG B 345 0.69 -2.01 -25.22
CA ARG B 345 1.60 -1.79 -24.10
C ARG B 345 3.06 -1.99 -24.49
N ASP B 346 3.35 -3.01 -25.31
CA ASP B 346 4.74 -3.27 -25.73
C ASP B 346 5.20 -2.43 -26.93
N SER B 347 4.36 -1.50 -27.43
CA SER B 347 4.64 -0.61 -28.58
C SER B 347 4.78 -1.34 -29.93
N SER B 348 4.47 -2.64 -29.99
CA SER B 348 4.61 -3.38 -31.26
C SER B 348 3.45 -3.10 -32.22
N ILE B 349 2.29 -2.59 -31.72
CA ILE B 349 1.15 -2.31 -32.61
C ILE B 349 0.62 -0.90 -32.34
N LEU B 350 0.23 -0.20 -33.39
CA LEU B 350 -0.36 1.13 -33.31
C LEU B 350 -1.66 1.04 -34.11
N ILE B 351 -2.80 1.32 -33.46
CA ILE B 351 -4.10 1.29 -34.14
C ILE B 351 -4.59 2.73 -34.31
N ALA B 352 -5.19 3.05 -35.45
CA ALA B 352 -5.77 4.36 -35.72
C ALA B 352 -7.24 4.19 -36.07
N VAL B 353 -8.11 5.09 -35.61
CA VAL B 353 -9.55 5.00 -35.90
C VAL B 353 -10.01 6.29 -36.59
N CYS B 354 -10.97 6.17 -37.52
CA CYS B 354 -11.36 7.26 -38.42
C CYS B 354 -12.84 7.67 -38.42
N ASP B 355 -13.11 8.85 -39.01
CA ASP B 355 -14.44 9.38 -39.22
C ASP B 355 -15.33 8.51 -40.12
N ASP B 356 -14.73 7.66 -40.95
CA ASP B 356 -15.51 6.78 -41.83
C ASP B 356 -15.71 5.38 -41.24
N ALA B 357 -15.57 5.23 -39.90
CA ALA B 357 -15.68 4.00 -39.13
C ALA B 357 -14.57 2.98 -39.41
N SER B 358 -13.48 3.39 -40.06
CA SER B 358 -12.40 2.47 -40.35
C SER B 358 -11.38 2.43 -39.22
N ILE B 359 -10.74 1.27 -39.09
CA ILE B 359 -9.73 0.95 -38.10
C ILE B 359 -8.50 0.50 -38.87
N TRP B 360 -7.31 1.01 -38.54
CA TRP B 360 -6.08 0.72 -39.26
C TRP B 360 -5.02 0.16 -38.32
N ARG B 361 -4.43 -0.96 -38.68
CA ARG B 361 -3.41 -1.59 -37.85
C ARG B 361 -2.02 -1.44 -38.45
N TRP B 362 -1.12 -0.86 -37.67
CA TRP B 362 0.26 -0.67 -38.08
C TRP B 362 1.16 -1.44 -37.11
N ASP B 363 1.97 -2.37 -37.63
CA ASP B 363 2.89 -3.14 -36.78
C ASP B 363 4.29 -2.59 -36.87
N ARG B 364 4.96 -2.44 -35.73
CA ARG B 364 6.31 -1.89 -35.69
C ARG B 364 7.34 -2.92 -36.23
N LEU B 365 8.19 -2.50 -37.18
CA LEU B 365 9.21 -3.36 -37.78
C LEU B 365 10.49 -3.45 -36.93
N SER C 1 31.41 0.22 13.67
CA SER C 1 31.39 -0.97 14.51
C SER C 1 30.12 -1.81 14.31
N MET C 2 30.11 -3.04 14.85
CA MET C 2 28.95 -3.92 14.81
C MET C 2 27.79 -3.27 15.59
N PHE C 3 28.10 -2.63 16.72
CA PHE C 3 27.11 -1.95 17.55
C PHE C 3 26.53 -0.75 16.82
N SER C 4 27.38 0.17 16.33
CA SER C 4 26.89 1.38 15.65
C SER C 4 26.11 1.04 14.38
N SER C 5 26.53 0.00 13.66
CA SER C 5 25.84 -0.42 12.44
C SER C 5 24.46 -0.97 12.79
N ASN C 6 24.38 -1.79 13.85
CA ASN C 6 23.11 -2.38 14.26
C ASN C 6 22.16 -1.31 14.79
N ARG C 7 22.68 -0.33 15.55
CA ARG C 7 21.87 0.76 16.07
C ARG C 7 21.27 1.60 14.93
N GLN C 8 22.03 1.79 13.84
CA GLN C 8 21.57 2.56 12.68
C GLN C 8 20.43 1.81 11.97
N LYS C 9 20.51 0.47 11.87
CA LYS C 9 19.46 -0.34 11.27
C LYS C 9 18.20 -0.21 12.13
N ILE C 10 18.34 -0.30 13.47
CA ILE C 10 17.20 -0.14 14.38
C ILE C 10 16.59 1.27 14.21
N LEU C 11 17.44 2.29 14.15
CA LEU C 11 16.96 3.67 14.01
C LEU C 11 16.15 3.87 12.74
N GLU C 12 16.68 3.39 11.59
CA GLU C 12 16.02 3.53 10.30
C GLU C 12 14.73 2.74 10.22
N ARG C 13 14.74 1.50 10.73
CA ARG C 13 13.57 0.63 10.68
C ARG C 13 12.47 1.06 11.64
N THR C 14 12.83 1.48 12.87
CA THR C 14 11.82 1.98 13.82
C THR C 14 11.26 3.31 13.28
N GLU C 15 12.07 4.13 12.59
CA GLU C 15 11.57 5.38 12.00
C GLU C 15 10.53 5.09 10.91
N ILE C 16 10.72 4.03 10.10
CA ILE C 16 9.73 3.62 9.10
C ILE C 16 8.40 3.26 9.81
N LEU C 17 8.46 2.44 10.88
CA LEU C 17 7.26 2.06 11.64
C LEU C 17 6.62 3.28 12.31
N ASN C 18 7.45 4.19 12.82
CA ASN C 18 6.94 5.39 13.47
C ASN C 18 6.21 6.28 12.48
N GLN C 19 6.73 6.38 11.23
CA GLN C 19 6.05 7.18 10.23
C GLN C 19 4.73 6.53 9.82
N GLU C 20 4.70 5.18 9.73
CA GLU C 20 3.46 4.46 9.40
C GLU C 20 2.42 4.69 10.53
N TRP C 21 2.87 4.67 11.80
CA TRP C 21 2.02 4.94 12.96
C TRP C 21 1.49 6.39 12.93
N LYS C 22 2.35 7.37 12.61
CA LYS C 22 1.95 8.77 12.56
C LYS C 22 0.84 9.02 11.56
N GLN C 23 0.85 8.27 10.45
CA GLN C 23 -0.17 8.41 9.41
C GLN C 23 -1.54 7.81 9.80
N ARG C 24 -1.57 6.97 10.86
CA ARG C 24 -2.77 6.33 11.36
C ARG C 24 -3.53 7.15 12.41
N ARG C 25 -4.84 6.88 12.52
CA ARG C 25 -5.68 7.52 13.52
C ARG C 25 -6.56 6.45 14.17
N ILE C 26 -5.94 5.51 14.89
CA ILE C 26 -6.68 4.43 15.54
C ILE C 26 -7.60 4.99 16.64
N GLN C 27 -8.84 4.52 16.66
CA GLN C 27 -9.84 4.97 17.63
C GLN C 27 -9.39 4.64 19.06
N PRO C 28 -9.57 5.56 20.02
CA PRO C 28 -9.15 5.26 21.39
C PRO C 28 -10.06 4.22 22.05
N VAL C 29 -9.52 3.35 22.94
CA VAL C 29 -10.38 2.37 23.60
C VAL C 29 -11.35 3.06 24.57
N SER D 1 21.18 18.17 -18.64
CA SER D 1 20.28 19.04 -19.40
C SER D 1 18.81 18.87 -18.95
N MET D 2 17.93 19.78 -19.38
CA MET D 2 16.50 19.71 -19.10
C MET D 2 15.93 18.43 -19.75
N PHE D 3 16.39 18.09 -20.96
CA PHE D 3 15.94 16.91 -21.68
C PHE D 3 16.39 15.64 -20.94
N SER D 4 17.69 15.50 -20.66
CA SER D 4 18.19 14.29 -20.00
C SER D 4 17.60 14.11 -18.61
N SER D 5 17.38 15.21 -17.89
CA SER D 5 16.80 15.14 -16.56
C SER D 5 15.34 14.68 -16.64
N ASN D 6 14.60 15.21 -17.61
CA ASN D 6 13.19 14.85 -17.77
C ASN D 6 13.07 13.39 -18.22
N ARG D 7 13.94 12.94 -19.13
CA ARG D 7 13.93 11.55 -19.60
C ARG D 7 14.19 10.58 -18.44
N GLN D 8 15.09 10.95 -17.51
CA GLN D 8 15.41 10.13 -16.35
C GLN D 8 14.22 10.00 -15.41
N LYS D 9 13.45 11.09 -15.22
CA LYS D 9 12.25 11.08 -14.39
C LYS D 9 11.21 10.15 -15.05
N ILE D 10 11.04 10.25 -16.38
CA ILE D 10 10.13 9.36 -17.10
C ILE D 10 10.59 7.89 -16.94
N LEU D 11 11.89 7.63 -17.11
CA LEU D 11 12.41 6.26 -16.99
C LEU D 11 12.13 5.67 -15.60
N GLU D 12 12.43 6.43 -14.54
CA GLU D 12 12.25 5.95 -13.17
C GLU D 12 10.78 5.76 -12.82
N ARG D 13 9.93 6.72 -13.21
CA ARG D 13 8.51 6.65 -12.90
C ARG D 13 7.76 5.60 -13.72
N THR D 14 8.10 5.43 -15.01
CA THR D 14 7.47 4.36 -15.79
C THR D 14 7.96 3.01 -15.28
N GLU D 15 9.21 2.90 -14.78
CA GLU D 15 9.70 1.65 -14.22
C GLU D 15 8.92 1.29 -12.95
N ILE D 16 8.54 2.27 -12.13
CA ILE D 16 7.70 2.02 -10.94
C ILE D 16 6.34 1.45 -11.38
N LEU D 17 5.69 2.06 -12.38
CA LEU D 17 4.41 1.56 -12.91
C LEU D 17 4.57 0.18 -13.53
N ASN D 18 5.66 -0.04 -14.24
CA ASN D 18 5.91 -1.33 -14.88
C ASN D 18 6.10 -2.42 -13.85
N GLN D 19 6.76 -2.12 -12.73
CA GLN D 19 6.94 -3.12 -11.66
C GLN D 19 5.59 -3.39 -10.99
N GLU D 20 4.75 -2.37 -10.80
CA GLU D 20 3.42 -2.56 -10.22
C GLU D 20 2.57 -3.45 -11.16
N TRP D 21 2.67 -3.22 -12.49
CA TRP D 21 1.97 -4.03 -13.47
C TRP D 21 2.47 -5.49 -13.45
N LYS D 22 3.80 -5.69 -13.37
CA LYS D 22 4.39 -7.04 -13.35
C LYS D 22 3.89 -7.87 -12.16
N GLN D 23 3.62 -7.21 -11.03
CA GLN D 23 3.15 -7.87 -9.83
C GLN D 23 1.68 -8.32 -9.88
N ARG D 24 0.85 -7.75 -10.77
CA ARG D 24 -0.56 -8.19 -10.82
C ARG D 24 -0.85 -9.16 -11.97
N ARG D 25 -1.99 -9.85 -11.89
CA ARG D 25 -2.37 -10.88 -12.87
C ARG D 25 -3.82 -10.65 -13.34
N ILE D 26 -4.03 -9.58 -14.09
CA ILE D 26 -5.35 -9.21 -14.58
C ILE D 26 -5.91 -10.26 -15.54
N GLN D 27 -7.17 -10.65 -15.34
CA GLN D 27 -7.83 -11.66 -16.18
C GLN D 27 -7.93 -11.17 -17.62
N PRO D 28 -7.67 -12.04 -18.62
CA PRO D 28 -7.74 -11.58 -20.01
C PRO D 28 -9.19 -11.35 -20.47
N VAL D 29 -9.38 -10.50 -21.48
CA VAL D 29 -10.70 -10.30 -22.07
C VAL D 29 -10.94 -11.43 -23.09
CL CL E . 8.40 -27.57 3.66
CL CL F . 0.79 -5.78 22.03
C1 EKF G . 3.16 -19.10 32.76
C2 EKF G . 2.94 -20.38 33.09
C3 EKF G . 2.72 -21.35 31.99
C12 EKF G . 3.34 -17.93 28.74
C13 EKF G . 4.83 -17.57 28.82
C14 EKF G . 5.78 -18.17 27.97
C15 EKF G . 7.12 -17.78 28.01
C16 EKF G . 7.58 -16.84 28.94
C17 EKF G . 6.62 -16.24 29.78
C18 EKF G . 5.28 -16.61 29.72
C20 EKF G . 5.67 -14.95 31.37
C21 EKF G . 4.53 -15.84 30.79
C22 EKF G . 3.91 -20.23 35.38
C23 EKF G . 3.90 -20.50 36.74
C24 EKF G . 2.86 -21.27 37.28
C25 EKF G . 1.87 -21.80 36.44
C26 EKF G . 1.88 -21.53 35.07
C27 EKF G . 2.84 -21.58 38.79
C29 EKF G . 0.54 -20.60 39.15
C30 EKF G . 2.57 -19.28 39.84
C9 EKF G . 2.58 -22.00 30.07
O19 EKF G . 6.94 -15.29 30.74
N8 EKF G . 2.36 -23.04 30.77
N28 EKF G . 1.98 -20.61 39.54
N6 EKF G . 3.19 -18.77 31.36
C5 EKF G . 3.03 -19.66 30.44
N7 EKF G . 2.46 -22.59 32.12
C10 EKF G . 2.92 -20.77 34.55
N11 EKF G . 3.11 -19.30 29.16
N4 EKF G . 2.79 -20.92 30.76
CL CL H . -11.68 25.69 -3.04
CL CL I . -7.33 2.99 -21.41
C1 EKF J . -15.75 14.37 -31.25
C2 EKF J . -16.80 15.17 -31.47
C3 EKF J . -17.41 15.81 -30.26
C12 EKF J . -14.13 13.77 -27.44
C13 EKF J . -12.78 14.42 -27.79
C14 EKF J . -12.27 15.52 -27.07
C15 EKF J . -11.04 16.12 -27.42
C16 EKF J . -10.25 15.59 -28.45
C17 EKF J . -10.77 14.50 -29.15
C18 EKF J . -12.00 13.94 -28.84
C20 EKF J . -10.91 12.79 -30.63
C21 EKF J . -12.23 12.77 -29.79
C22 EKF J . -16.38 15.62 -33.90
C23 EKF J . -16.81 15.79 -35.23
C24 EKF J . -18.17 15.66 -35.54
C25 EKF J . -19.10 15.43 -34.51
C26 EKF J . -18.66 15.24 -33.19
C27 EKF J . -18.65 15.81 -36.99
C29 EKF J . -19.81 13.58 -37.25
C30 EKF J . -17.48 13.85 -38.11
C9 EKF J . -17.61 16.33 -28.30
O19 EKF J . -10.11 13.94 -30.22
N8 EKF J . -18.54 16.98 -28.89
N28 EKF J . -18.75 14.52 -37.73
N6 EKF J . -15.28 14.24 -29.92
C5 EKF J . -15.81 14.83 -28.90
N7 EKF J . -18.40 16.62 -30.27
C10 EKF J . -17.30 15.36 -32.88
N11 EKF J . -15.28 14.66 -27.70
N4 EKF J . -16.88 15.60 -29.09
#